data_6B04
#
_entry.id   6B04
#
_cell.length_a   187.440
_cell.length_b   122.449
_cell.length_c   68.761
_cell.angle_alpha   90.000
_cell.angle_beta   106.600
_cell.angle_gamma   90.000
#
_symmetry.space_group_name_H-M   'C 1 2 1'
#
loop_
_entity.id
_entity.type
_entity.pdbx_description
1 polymer 'Farnesyl diphosphate synthase'
2 non-polymer 2-(2,2-diphosphonoethyl)-1-methylpyridin-1-ium
3 non-polymer 'MAGNESIUM ION'
4 non-polymer 1,2-ETHANEDIOL
5 water water
#
_entity_poly.entity_id   1
_entity_poly.type   'polypeptide(L)'
_entity_poly.pdbx_seq_one_letter_code
;TKKESFEDVLPSILNTITTNSELTEVPEVANWLKKVLEYNLAGGKKARGLTTLFAYEMLEKPENITEETIYLAKTLGWCV
EILQGFLVMLDDIMDGSTTRRGVPCWYQLPEVGLAAVNDSSLMFSSIFYVLHAHFADKKIYTNLVELFNESLMHTSIGQH
LDVTMERRQKSDYSLFTIERYNAIVKYKTAYYTYQLPVCLGMLLANISDPVLHQKAEDMCLEIGKFFQIQDDYIDCYGDE
SLTGKMGTDIQEAKCSWLAVMALQRCSASQKIVFTTCYGSKEPAHIERIKELYKQLQLPELYAQEETRMYESLIKQAHGL
PSELSPALFVRLIHMIYKRNH
;
_entity_poly.pdbx_strand_id   A,B,C
#
# COMPACT_ATOMS: atom_id res chain seq x y z
N THR A 1 -0.14 16.50 -22.53
CA THR A 1 1.15 16.86 -21.89
C THR A 1 1.62 15.77 -20.90
N LYS A 2 2.87 15.96 -20.50
CA LYS A 2 3.52 15.15 -19.50
C LYS A 2 2.82 15.19 -18.16
N LYS A 3 2.35 16.34 -17.71
CA LYS A 3 1.63 16.38 -16.44
C LYS A 3 0.34 15.51 -16.33
N GLU A 4 -0.52 15.52 -17.35
CA GLU A 4 -1.80 14.78 -17.25
C GLU A 4 -1.49 13.25 -17.31
N SER A 5 -0.48 12.92 -18.07
CA SER A 5 0.05 11.57 -18.26
C SER A 5 0.53 11.00 -16.92
N PHE A 6 1.25 11.83 -16.20
CA PHE A 6 1.75 11.53 -14.83
C PHE A 6 0.62 11.45 -13.89
N GLU A 7 -0.32 12.39 -13.94
CA GLU A 7 -1.50 12.31 -13.05
C GLU A 7 -2.51 11.15 -13.30
N ASP A 8 -2.55 10.75 -14.54
CA ASP A 8 -3.43 9.62 -15.00
C ASP A 8 -3.30 8.39 -14.11
N VAL A 9 -2.08 8.12 -13.58
CA VAL A 9 -1.83 6.91 -12.78
C VAL A 9 -2.17 7.01 -11.31
N LEU A 10 -2.50 8.21 -10.82
CA LEU A 10 -2.78 8.36 -9.41
C LEU A 10 -3.85 7.45 -8.86
N PRO A 11 -5.07 7.40 -9.48
CA PRO A 11 -6.06 6.44 -8.94
C PRO A 11 -5.53 5.01 -8.81
N SER A 12 -4.69 4.53 -9.75
CA SER A 12 -4.14 3.16 -9.64
C SER A 12 -3.11 2.97 -8.50
N ILE A 13 -2.27 4.01 -8.27
CA ILE A 13 -1.34 4.02 -7.12
C ILE A 13 -2.17 3.92 -5.78
N LEU A 14 -3.21 4.72 -5.63
CA LEU A 14 -4.06 4.57 -4.41
C LEU A 14 -4.50 3.12 -4.16
N ASN A 15 -4.90 2.37 -5.22
CA ASN A 15 -5.31 1.00 -5.02
C ASN A 15 -4.26 0.10 -4.70
N THR A 16 -3.08 0.33 -5.29
CA THR A 16 -2.00 -0.48 -4.92
C THR A 16 -1.72 -0.41 -3.37
N ILE A 17 -1.84 0.79 -2.81
CA ILE A 17 -1.43 1.03 -1.39
C ILE A 17 -2.29 0.05 -0.45
N THR A 18 -3.59 0.18 -0.59
CA THR A 18 -4.65 -0.72 0.03
C THR A 18 -4.45 -2.32 -0.01
N THR A 19 -4.55 -2.81 -1.25
CA THR A 19 -4.42 -4.22 -1.66
C THR A 19 -3.16 -4.91 -1.17
N ASN A 20 -2.06 -4.14 -1.07
CA ASN A 20 -0.77 -4.66 -0.66
C ASN A 20 -0.44 -4.56 0.85
N SER A 21 -1.40 -4.09 1.65
CA SER A 21 -1.15 -3.85 3.04
C SER A 21 -2.27 -4.41 3.85
N GLU A 22 -2.11 -4.35 5.19
CA GLU A 22 -3.22 -4.65 6.06
C GLU A 22 -4.39 -3.72 5.92
N LEU A 23 -4.27 -2.63 5.13
CA LEU A 23 -5.42 -1.71 4.95
C LEU A 23 -6.60 -2.44 4.44
N THR A 24 -6.32 -3.50 3.63
CA THR A 24 -7.39 -4.42 3.15
C THR A 24 -8.36 -4.82 4.22
N GLU A 25 -7.92 -4.90 5.44
CA GLU A 25 -8.77 -5.39 6.56
C GLU A 25 -9.52 -4.34 7.40
N VAL A 26 -9.15 -3.07 7.24
CA VAL A 26 -9.73 -1.99 8.06
C VAL A 26 -10.23 -0.84 7.14
N PRO A 27 -11.39 -1.03 6.48
CA PRO A 27 -11.86 0.00 5.50
C PRO A 27 -12.00 1.41 6.03
N GLU A 28 -12.35 1.59 7.31
CA GLU A 28 -12.38 2.90 7.96
C GLU A 28 -11.01 3.63 7.71
N VAL A 29 -9.89 2.94 7.93
CA VAL A 29 -8.56 3.53 7.73
C VAL A 29 -8.21 3.62 6.26
N ALA A 30 -8.52 2.60 5.44
CA ALA A 30 -8.25 2.67 4.01
C ALA A 30 -8.96 3.90 3.39
N ASN A 31 -10.20 4.13 3.77
CA ASN A 31 -10.98 5.22 3.25
C ASN A 31 -10.41 6.55 3.73
N TRP A 32 -10.01 6.60 5.00
CA TRP A 32 -9.43 7.85 5.57
C TRP A 32 -8.12 8.16 4.79
N LEU A 33 -7.30 7.15 4.57
CA LEU A 33 -5.99 7.34 3.91
C LEU A 33 -6.19 7.84 2.48
N LYS A 34 -7.21 7.35 1.78
CA LYS A 34 -7.54 7.90 0.50
C LYS A 34 -7.84 9.40 0.59
N LYS A 35 -8.63 9.84 1.56
CA LYS A 35 -8.89 11.24 1.75
C LYS A 35 -7.60 12.03 2.03
N VAL A 36 -6.78 11.52 2.95
CA VAL A 36 -5.47 12.13 3.24
C VAL A 36 -4.68 12.31 1.99
N LEU A 37 -4.53 11.24 1.20
CA LEU A 37 -3.66 11.32 0.03
C LEU A 37 -4.23 12.25 -1.00
N GLU A 38 -5.54 12.22 -1.21
CA GLU A 38 -6.10 13.08 -2.29
C GLU A 38 -5.93 14.53 -1.89
N TYR A 39 -6.22 14.85 -0.64
CA TYR A 39 -6.07 16.24 -0.20
C TYR A 39 -4.63 16.79 -0.26
N ASN A 40 -3.69 15.99 0.19
CA ASN A 40 -2.34 16.39 0.31
C ASN A 40 -1.55 16.25 -0.95
N LEU A 41 -2.07 15.54 -1.97
CA LEU A 41 -1.37 15.47 -3.20
C LEU A 41 -2.01 16.39 -4.26
N ALA A 42 -3.16 16.97 -3.96
CA ALA A 42 -3.97 17.66 -4.99
C ALA A 42 -3.25 18.89 -5.47
N GLY A 43 -3.43 19.18 -6.75
CA GLY A 43 -2.94 20.44 -7.31
C GLY A 43 -1.45 20.54 -7.44
N GLY A 44 -0.96 21.79 -7.53
CA GLY A 44 0.47 22.02 -7.67
C GLY A 44 1.03 21.55 -8.98
N LYS A 45 2.33 21.64 -9.09
CA LYS A 45 2.99 21.40 -10.35
C LYS A 45 3.36 19.95 -10.59
N LYS A 46 3.35 19.12 -9.53
CA LYS A 46 3.93 17.75 -9.68
C LYS A 46 5.33 17.73 -10.15
N ALA A 47 6.13 18.72 -9.78
CA ALA A 47 7.43 18.88 -10.30
C ALA A 47 8.40 17.79 -9.89
N ARG A 48 8.33 17.31 -8.62
CA ARG A 48 9.22 16.23 -8.23
C ARG A 48 8.94 14.93 -9.06
N GLY A 49 7.67 14.59 -9.15
CA GLY A 49 7.27 13.41 -9.85
C GLY A 49 7.68 13.47 -11.37
N LEU A 50 7.45 14.62 -11.99
CA LEU A 50 7.92 14.88 -13.39
C LEU A 50 9.36 14.83 -13.61
N THR A 51 10.15 15.33 -12.62
CA THR A 51 11.54 15.24 -12.71
C THR A 51 11.97 13.82 -12.71
N THR A 52 11.32 12.95 -11.91
CA THR A 52 11.69 11.55 -11.95
C THR A 52 11.49 10.85 -13.36
N LEU A 53 10.35 11.15 -13.90
CA LEU A 53 9.85 10.56 -15.16
C LEU A 53 10.71 11.11 -16.29
N PHE A 54 10.90 12.44 -16.28
CA PHE A 54 11.81 13.08 -17.27
C PHE A 54 13.20 12.56 -17.21
N ALA A 55 13.73 12.35 -16.01
CA ALA A 55 15.03 11.84 -15.91
C ALA A 55 15.19 10.45 -16.52
N TYR A 56 14.29 9.57 -16.12
CA TYR A 56 14.27 8.22 -16.70
C TYR A 56 14.25 8.31 -18.27
N GLU A 57 13.27 9.04 -18.79
CA GLU A 57 13.03 9.12 -20.22
C GLU A 57 14.25 9.70 -20.93
N MET A 58 15.01 10.60 -20.28
CA MET A 58 16.19 11.23 -20.91
C MET A 58 17.41 10.44 -20.72
N LEU A 59 17.46 9.56 -19.76
CA LEU A 59 18.68 8.86 -19.48
C LEU A 59 18.72 7.46 -20.05
N GLU A 60 17.55 6.83 -20.20
CA GLU A 60 17.50 5.45 -20.69
C GLU A 60 17.62 5.50 -22.23
N LYS A 61 18.17 4.47 -22.85
CA LYS A 61 18.17 4.38 -24.32
C LYS A 61 16.74 4.27 -24.81
N PRO A 62 16.38 5.06 -25.83
CA PRO A 62 14.96 5.08 -26.22
C PRO A 62 14.42 3.70 -26.62
N GLU A 63 15.33 2.86 -27.11
CA GLU A 63 15.06 1.47 -27.44
C GLU A 63 14.79 0.55 -26.21
N ASN A 64 15.20 0.94 -24.99
CA ASN A 64 14.87 0.20 -23.77
C ASN A 64 13.58 0.67 -23.06
N ILE A 65 12.94 1.72 -23.56
CA ILE A 65 11.79 2.26 -22.85
C ILE A 65 10.57 1.53 -23.28
N THR A 66 9.77 1.04 -22.33
CA THR A 66 8.52 0.38 -22.58
C THR A 66 7.40 1.03 -21.88
N GLU A 67 6.20 0.63 -22.20
CA GLU A 67 5.05 1.11 -21.45
C GLU A 67 5.10 0.72 -19.91
N GLU A 68 5.47 -0.51 -19.61
CA GLU A 68 5.65 -0.91 -18.26
C GLU A 68 6.76 0.02 -17.58
N THR A 69 7.92 0.25 -18.22
CA THR A 69 8.98 1.02 -17.55
C THR A 69 8.52 2.45 -17.34
N ILE A 70 7.72 3.02 -18.25
CA ILE A 70 7.15 4.33 -18.05
C ILE A 70 6.18 4.33 -16.86
N TYR A 71 5.27 3.34 -16.77
CA TYR A 71 4.41 3.25 -15.58
C TYR A 71 5.34 3.15 -14.27
N LEU A 72 6.46 2.44 -14.36
CA LEU A 72 7.38 2.30 -13.18
C LEU A 72 8.04 3.62 -12.84
N ALA A 73 8.40 4.40 -13.83
CA ALA A 73 8.99 5.72 -13.58
C ALA A 73 7.97 6.67 -13.03
N LYS A 74 6.73 6.61 -13.51
CA LYS A 74 5.68 7.40 -12.92
C LYS A 74 5.45 6.98 -11.44
N THR A 75 5.51 5.70 -11.18
CA THR A 75 5.23 5.20 -9.85
C THR A 75 6.34 5.75 -8.88
N LEU A 76 7.58 5.61 -9.26
CA LEU A 76 8.71 6.20 -8.49
C LEU A 76 8.50 7.66 -8.29
N GLY A 77 8.08 8.36 -9.34
CA GLY A 77 7.76 9.76 -9.23
C GLY A 77 6.69 10.07 -8.22
N TRP A 78 5.62 9.28 -8.24
CA TRP A 78 4.58 9.45 -7.25
C TRP A 78 5.09 9.16 -5.77
N CYS A 79 6.02 8.24 -5.62
CA CYS A 79 6.59 7.95 -4.28
C CYS A 79 7.29 9.27 -3.81
N VAL A 80 7.95 9.98 -4.72
CA VAL A 80 8.57 11.27 -4.35
C VAL A 80 7.52 12.25 -4.00
N GLU A 81 6.43 12.35 -4.75
CA GLU A 81 5.31 13.21 -4.40
C GLU A 81 4.70 12.92 -3.03
N ILE A 82 4.59 11.64 -2.72
CA ILE A 82 4.03 11.24 -1.41
C ILE A 82 5.05 11.70 -0.30
N LEU A 83 6.34 11.49 -0.52
CA LEU A 83 7.41 11.96 0.41
C LEU A 83 7.24 13.41 0.66
N GLN A 84 7.15 14.17 -0.42
CA GLN A 84 6.86 15.58 -0.30
C GLN A 84 5.65 15.98 0.46
N GLY A 85 4.55 15.31 0.17
CA GLY A 85 3.35 15.52 0.92
C GLY A 85 3.50 15.28 2.42
N PHE A 86 4.21 14.19 2.78
CA PHE A 86 4.49 13.87 4.20
C PHE A 86 5.33 15.05 4.78
N LEU A 87 6.44 15.35 4.09
CA LEU A 87 7.36 16.43 4.57
C LEU A 87 6.65 17.71 4.78
N VAL A 88 5.84 18.12 3.84
CA VAL A 88 5.11 19.39 4.00
C VAL A 88 3.94 19.39 4.99
N MET A 89 3.31 18.23 5.20
CA MET A 89 2.30 18.17 6.24
C MET A 89 2.93 18.54 7.63
N LEU A 90 4.13 18.03 7.89
CA LEU A 90 4.84 18.28 9.15
C LEU A 90 5.43 19.72 9.15
N ASP A 91 5.99 20.08 8.01
CA ASP A 91 6.58 21.45 7.86
C ASP A 91 5.57 22.51 8.17
N ASP A 92 4.33 22.36 7.67
CA ASP A 92 3.31 23.30 7.93
C ASP A 92 2.99 23.47 9.42
N ILE A 93 2.98 22.37 10.15
CA ILE A 93 2.84 22.42 11.59
C ILE A 93 4.02 23.22 12.20
N MET A 94 5.23 22.84 11.83
CA MET A 94 6.39 23.52 12.45
C MET A 94 6.54 24.98 12.07
N ASP A 95 6.06 25.35 10.93
CA ASP A 95 6.21 26.73 10.33
C ASP A 95 5.07 27.63 10.66
N GLY A 96 4.02 27.10 11.30
CA GLY A 96 2.87 27.90 11.68
C GLY A 96 2.12 28.32 10.43
N SER A 97 2.11 27.51 9.41
CA SER A 97 1.45 27.86 8.19
C SER A 97 -0.06 27.67 8.30
N THR A 98 -0.81 28.42 7.49
CA THR A 98 -2.25 28.43 7.43
C THR A 98 -2.81 27.80 6.16
N THR A 99 -2.19 28.08 4.99
CA THR A 99 -2.66 27.60 3.73
C THR A 99 -1.58 26.98 2.92
N ARG A 100 -1.99 26.04 2.09
CA ARG A 100 -1.13 25.45 1.11
C ARG A 100 -2.04 24.95 -0.06
N ARG A 101 -1.53 25.12 -1.27
CA ARG A 101 -2.23 24.85 -2.54
C ARG A 101 -3.64 25.49 -2.51
N GLY A 102 -3.69 26.64 -1.87
CA GLY A 102 -4.87 27.50 -1.86
C GLY A 102 -5.99 27.12 -0.91
N VAL A 103 -5.77 26.14 -0.04
CA VAL A 103 -6.77 25.71 0.92
C VAL A 103 -6.09 25.59 2.28
N PRO A 104 -6.85 25.40 3.36
CA PRO A 104 -6.22 25.19 4.66
C PRO A 104 -5.23 24.02 4.69
N CYS A 105 -4.09 24.24 5.36
CA CYS A 105 -3.13 23.18 5.62
C CYS A 105 -3.89 22.07 6.31
N TRP A 106 -3.47 20.84 6.03
CA TRP A 106 -4.17 19.65 6.60
C TRP A 106 -4.39 19.72 8.09
N TYR A 107 -3.34 20.08 8.82
CA TYR A 107 -3.43 20.17 10.28
C TYR A 107 -4.39 21.24 10.78
N GLN A 108 -4.67 22.22 9.96
CA GLN A 108 -5.58 23.30 10.33
C GLN A 108 -7.02 22.82 10.24
N LEU A 109 -7.31 21.70 9.59
CA LEU A 109 -8.69 21.29 9.50
C LEU A 109 -9.19 20.84 10.89
N PRO A 110 -10.41 21.27 11.26
CA PRO A 110 -10.95 20.92 12.60
C PRO A 110 -11.09 19.40 12.86
N GLU A 111 -11.36 18.64 11.83
CA GLU A 111 -11.46 17.17 11.99
C GLU A 111 -10.03 16.49 12.22
N VAL A 112 -8.94 17.25 12.07
CA VAL A 112 -7.58 16.70 12.00
C VAL A 112 -6.73 17.11 13.17
N GLY A 113 -6.39 18.39 13.23
CA GLY A 113 -5.53 18.87 14.24
C GLY A 113 -4.17 18.17 14.32
N LEU A 114 -3.72 17.94 15.54
CA LEU A 114 -2.47 17.27 15.83
C LEU A 114 -2.46 15.76 15.41
N ALA A 115 -3.61 15.18 15.15
CA ALA A 115 -3.66 13.87 14.56
C ALA A 115 -3.06 13.86 13.16
N ALA A 116 -2.82 15.02 12.53
CA ALA A 116 -1.99 15.06 11.33
C ALA A 116 -0.70 14.35 11.52
N VAL A 117 -0.14 14.31 12.75
CA VAL A 117 1.09 13.66 12.86
C VAL A 117 0.99 12.14 12.57
N ASN A 118 -0.10 11.53 12.97
CA ASN A 118 -0.34 10.16 12.49
C ASN A 118 -0.64 9.99 10.97
N ASP A 119 -1.41 10.93 10.41
CA ASP A 119 -1.62 10.91 8.92
C ASP A 119 -0.37 10.96 8.16
N SER A 120 0.61 11.69 8.69
CA SER A 120 1.94 11.73 8.04
C SER A 120 2.59 10.40 8.06
N SER A 121 2.51 9.66 9.16
CA SER A 121 3.17 8.40 9.19
C SER A 121 2.41 7.41 8.21
N LEU A 122 1.12 7.47 8.16
CA LEU A 122 0.37 6.65 7.17
C LEU A 122 0.85 6.93 5.73
N MET A 123 1.07 8.21 5.39
CA MET A 123 1.65 8.56 4.14
C MET A 123 2.97 8.10 3.86
N PHE A 124 3.88 8.28 4.77
CA PHE A 124 5.20 7.86 4.54
C PHE A 124 5.23 6.37 4.34
N SER A 125 4.48 5.65 5.20
CA SER A 125 4.60 4.19 5.17
C SER A 125 4.10 3.56 3.83
N SER A 126 3.18 4.27 3.19
CA SER A 126 2.63 3.97 1.88
C SER A 126 3.70 3.79 0.87
N ILE A 127 4.76 4.61 0.95
CA ILE A 127 5.83 4.53 -0.06
C ILE A 127 6.42 3.18 -0.14
N PHE A 128 6.72 2.59 1.02
CA PHE A 128 7.36 1.32 1.01
C PHE A 128 6.50 0.18 0.48
N TYR A 129 5.21 0.27 0.67
CA TYR A 129 4.31 -0.74 0.06
C TYR A 129 4.30 -0.69 -1.46
N VAL A 130 4.25 0.55 -1.99
CA VAL A 130 4.48 0.75 -3.46
C VAL A 130 5.76 0.19 -3.97
N LEU A 131 6.88 0.49 -3.30
CA LEU A 131 8.18 -0.03 -3.71
C LEU A 131 8.30 -1.53 -3.65
N HIS A 132 7.75 -2.11 -2.59
CA HIS A 132 7.80 -3.57 -2.44
C HIS A 132 6.92 -4.24 -3.55
N ALA A 133 5.75 -3.71 -3.70
CA ALA A 133 4.76 -4.29 -4.68
C ALA A 133 5.35 -4.41 -6.08
N HIS A 134 6.10 -3.40 -6.50
CA HIS A 134 6.65 -3.33 -7.85
C HIS A 134 8.02 -3.85 -7.96
N PHE A 135 8.89 -3.72 -6.93
CA PHE A 135 10.30 -3.95 -7.12
C PHE A 135 10.94 -5.04 -6.27
N ALA A 136 10.18 -5.71 -5.42
CA ALA A 136 10.82 -6.63 -4.44
C ALA A 136 11.71 -7.67 -5.07
N ASP A 137 11.35 -8.14 -6.25
CA ASP A 137 12.14 -9.15 -6.97
C ASP A 137 13.19 -8.63 -7.90
N LYS A 138 13.43 -7.33 -7.92
CA LYS A 138 14.49 -6.75 -8.72
C LYS A 138 15.74 -6.39 -8.02
N LYS A 139 16.80 -6.33 -8.80
CA LYS A 139 18.08 -6.14 -8.32
C LYS A 139 18.14 -4.72 -7.69
N ILE A 140 17.37 -3.76 -8.20
CA ILE A 140 17.49 -2.39 -7.69
C ILE A 140 16.65 -2.16 -6.42
N TYR A 141 15.94 -3.19 -5.95
CA TYR A 141 15.08 -3.02 -4.81
C TYR A 141 15.82 -2.38 -3.62
N THR A 142 16.98 -2.92 -3.21
CA THR A 142 17.57 -2.39 -1.95
C THR A 142 18.06 -0.96 -2.19
N ASN A 143 18.52 -0.65 -3.39
CA ASN A 143 18.91 0.71 -3.71
C ASN A 143 17.77 1.70 -3.58
N LEU A 144 16.57 1.32 -4.02
CA LEU A 144 15.40 2.16 -3.88
C LEU A 144 14.98 2.41 -2.44
N VAL A 145 14.88 1.33 -1.67
CA VAL A 145 14.40 1.44 -0.29
C VAL A 145 15.44 2.34 0.52
N GLU A 146 16.72 2.09 0.29
CA GLU A 146 17.80 2.83 0.97
C GLU A 146 17.77 4.30 0.59
N LEU A 147 17.57 4.57 -0.69
CA LEU A 147 17.45 5.93 -1.18
C LEU A 147 16.31 6.70 -0.55
N PHE A 148 15.15 6.11 -0.37
CA PHE A 148 14.08 6.79 0.25
C PHE A 148 14.37 7.02 1.77
N ASN A 149 14.93 6.01 2.45
CA ASN A 149 15.28 6.27 3.86
C ASN A 149 16.40 7.33 4.02
N GLU A 150 17.45 7.31 3.19
CA GLU A 150 18.44 8.34 3.21
C GLU A 150 17.85 9.73 2.94
N SER A 151 16.83 9.81 2.09
CA SER A 151 16.16 11.07 1.85
C SER A 151 15.43 11.60 3.04
N LEU A 152 14.88 10.71 3.84
CA LEU A 152 14.23 11.12 5.06
C LEU A 152 15.28 11.64 6.06
N MET A 153 16.39 10.95 6.18
CA MET A 153 17.45 11.36 7.15
C MET A 153 18.00 12.73 6.71
N HIS A 154 18.36 12.84 5.44
CA HIS A 154 18.83 14.18 4.91
C HIS A 154 17.90 15.26 5.16
N THR A 155 16.63 15.11 4.76
CA THR A 155 15.69 16.13 4.98
C THR A 155 15.48 16.55 6.43
N SER A 156 15.45 15.59 7.33
CA SER A 156 15.24 15.84 8.76
C SER A 156 16.53 16.52 9.37
N ILE A 157 17.70 16.23 8.82
CA ILE A 157 18.93 16.96 9.20
C ILE A 157 18.71 18.41 8.88
N GLY A 158 18.25 18.69 7.67
CA GLY A 158 18.07 20.08 7.26
C GLY A 158 16.94 20.76 7.95
N GLN A 159 15.88 20.06 8.23
CA GLN A 159 14.79 20.62 9.01
C GLN A 159 15.24 20.95 10.43
N HIS A 160 16.10 20.16 10.97
CA HIS A 160 16.58 20.47 12.29
C HIS A 160 17.31 21.82 12.25
N LEU A 161 18.22 21.93 11.28
CA LEU A 161 18.95 23.23 11.14
C LEU A 161 18.05 24.41 10.96
N ASP A 162 16.97 24.22 10.21
CA ASP A 162 15.98 25.24 9.90
C ASP A 162 15.16 25.70 11.06
N VAL A 163 14.71 24.76 11.93
CA VAL A 163 13.64 25.09 12.87
C VAL A 163 14.32 25.23 14.24
N THR A 164 15.59 24.82 14.39
CA THR A 164 16.18 24.81 15.71
C THR A 164 16.03 26.20 16.37
N MET A 165 15.49 26.18 17.60
CA MET A 165 15.33 27.34 18.56
C MET A 165 16.68 28.01 18.97
N GLU A 166 17.74 27.17 18.98
CA GLU A 166 19.15 27.58 18.87
C GLU A 166 19.58 28.60 17.74
N ARG A 167 19.10 28.43 16.48
CA ARG A 167 19.53 29.28 15.29
C ARG A 167 19.71 30.84 15.53
N ARG A 168 18.93 31.35 16.50
CA ARG A 168 18.87 32.76 16.96
C ARG A 168 18.54 32.80 18.49
N GLN A 169 19.22 33.66 19.26
CA GLN A 169 18.77 34.00 20.67
C GLN A 169 18.38 35.51 20.69
N LYS A 170 17.08 35.81 20.65
CA LYS A 170 16.57 37.18 20.63
C LYS A 170 17.18 38.10 19.53
N SER A 171 18.16 38.93 19.90
CA SER A 171 18.75 39.94 19.00
C SER A 171 20.10 39.41 18.42
N ASP A 172 20.43 38.14 18.69
CA ASP A 172 21.66 37.54 18.21
C ASP A 172 21.32 36.71 16.92
N TYR A 173 21.75 37.26 15.80
CA TYR A 173 21.54 36.67 14.49
C TYR A 173 22.91 36.35 13.96
N SER A 174 23.87 36.08 14.88
CA SER A 174 25.19 35.75 14.47
C SER A 174 25.33 34.46 13.66
N LEU A 175 24.38 33.54 13.83
CA LEU A 175 24.35 32.32 13.05
C LEU A 175 23.70 32.44 11.66
N PHE A 176 23.13 33.60 11.32
CA PHE A 176 22.50 33.86 9.98
C PHE A 176 23.58 34.16 8.95
N THR A 177 24.33 33.16 8.56
CA THR A 177 25.45 33.23 7.65
C THR A 177 25.17 32.35 6.45
N ILE A 178 25.96 32.59 5.44
CA ILE A 178 25.82 31.80 4.24
C ILE A 178 26.29 30.38 4.50
N GLU A 179 27.29 30.19 5.37
CA GLU A 179 27.68 28.80 5.74
C GLU A 179 26.47 28.01 6.32
N ARG A 180 25.73 28.65 7.16
CA ARG A 180 24.54 28.01 7.80
C ARG A 180 23.47 27.80 6.71
N TYR A 181 23.20 28.83 5.93
CA TYR A 181 22.21 28.78 4.85
C TYR A 181 22.55 27.62 3.92
N ASN A 182 23.79 27.52 3.47
CA ASN A 182 24.16 26.49 2.52
C ASN A 182 23.88 25.08 3.07
N ALA A 183 24.18 24.88 4.35
CA ALA A 183 23.90 23.58 5.00
C ALA A 183 22.40 23.32 5.07
N ILE A 184 21.62 24.30 5.51
CA ILE A 184 20.21 24.17 5.65
C ILE A 184 19.62 23.72 4.31
N VAL A 185 19.97 24.42 3.22
CA VAL A 185 19.26 24.13 1.96
C VAL A 185 19.74 22.88 1.30
N LYS A 186 21.03 22.56 1.40
CA LYS A 186 21.56 21.35 0.97
C LYS A 186 20.74 20.14 1.50
N TYR A 187 20.56 20.11 2.80
CA TYR A 187 19.91 19.00 3.45
C TYR A 187 18.40 19.10 3.38
N LYS A 188 17.78 20.22 3.61
CA LYS A 188 16.32 20.21 3.74
C LYS A 188 15.65 20.11 2.36
N THR A 189 16.35 20.62 1.34
CA THR A 189 15.68 20.75 -0.02
C THR A 189 16.37 20.03 -1.11
N ALA A 190 17.69 20.19 -1.23
CA ALA A 190 18.34 19.77 -2.43
C ALA A 190 18.35 18.26 -2.65
N TYR A 191 18.47 17.48 -1.57
CA TYR A 191 18.37 16.03 -1.70
C TYR A 191 17.02 15.51 -2.19
N TYR A 192 15.94 15.84 -1.54
CA TYR A 192 14.70 15.26 -1.96
C TYR A 192 14.10 15.87 -3.20
N THR A 193 14.41 17.15 -3.47
CA THR A 193 13.87 17.85 -4.61
C THR A 193 14.54 17.46 -5.93
N TYR A 194 15.85 17.23 -5.97
CA TYR A 194 16.60 16.92 -7.17
C TYR A 194 17.38 15.67 -7.11
N GLN A 195 18.15 15.47 -6.04
CA GLN A 195 19.00 14.32 -6.04
C GLN A 195 18.21 13.00 -6.10
N LEU A 196 17.13 12.96 -5.30
CA LEU A 196 16.31 11.73 -5.18
C LEU A 196 15.62 11.40 -6.54
N PRO A 197 14.90 12.34 -7.11
CA PRO A 197 14.26 11.98 -8.40
C PRO A 197 15.21 11.68 -9.50
N VAL A 198 16.35 12.38 -9.57
CA VAL A 198 17.32 12.05 -10.58
C VAL A 198 17.96 10.71 -10.33
N CYS A 199 18.30 10.40 -9.08
CA CYS A 199 18.92 9.12 -8.82
CA CYS A 199 18.92 9.11 -8.86
C CYS A 199 17.94 7.97 -9.14
N LEU A 200 16.64 8.16 -8.87
CA LEU A 200 15.60 7.14 -9.13
C LEU A 200 15.51 6.89 -10.64
N GLY A 201 15.47 7.97 -11.42
CA GLY A 201 15.70 7.86 -12.87
C GLY A 201 16.89 7.12 -13.37
N MET A 202 18.04 7.37 -12.78
CA MET A 202 19.24 6.71 -13.10
C MET A 202 19.18 5.22 -12.74
N LEU A 203 18.61 4.89 -11.57
CA LEU A 203 18.52 3.49 -11.17
C LEU A 203 17.62 2.69 -12.12
N LEU A 204 16.49 3.28 -12.49
CA LEU A 204 15.56 2.66 -13.35
C LEU A 204 16.17 2.45 -14.73
N ALA A 205 17.07 3.35 -15.10
CA ALA A 205 17.83 3.25 -16.38
C ALA A 205 19.07 2.37 -16.28
N ASN A 206 19.22 1.63 -15.18
CA ASN A 206 20.34 0.79 -14.93
C ASN A 206 21.64 1.46 -15.00
N ILE A 207 21.71 2.73 -14.59
CA ILE A 207 23.01 3.36 -14.40
C ILE A 207 23.45 3.16 -12.97
N SER A 208 24.59 2.52 -12.79
CA SER A 208 25.08 2.19 -11.47
C SER A 208 26.48 2.73 -11.16
N ASP A 209 27.16 3.33 -12.13
CA ASP A 209 28.57 3.68 -11.99
C ASP A 209 28.67 4.78 -10.92
N PRO A 210 29.43 4.52 -9.83
CA PRO A 210 29.51 5.47 -8.71
C PRO A 210 29.96 6.88 -9.11
N VAL A 211 30.91 6.97 -10.03
CA VAL A 211 31.36 8.25 -10.51
C VAL A 211 30.27 9.05 -11.22
N LEU A 212 29.45 8.39 -12.03
CA LEU A 212 28.33 9.11 -12.64
C LEU A 212 27.32 9.54 -11.56
N HIS A 213 27.14 8.76 -10.49
CA HIS A 213 26.12 9.08 -9.45
C HIS A 213 26.58 10.27 -8.64
N GLN A 214 27.90 10.33 -8.43
CA GLN A 214 28.53 11.44 -7.70
C GLN A 214 28.47 12.73 -8.53
N LYS A 215 28.70 12.64 -9.82
CA LYS A 215 28.59 13.82 -10.65
C LYS A 215 27.19 14.33 -10.77
N ALA A 216 26.22 13.43 -10.91
CA ALA A 216 24.82 13.81 -10.94
C ALA A 216 24.39 14.44 -9.59
N GLU A 217 24.76 13.79 -8.49
CA GLU A 217 24.46 14.32 -7.17
C GLU A 217 25.00 15.79 -7.04
N ASP A 218 26.23 16.04 -7.48
CA ASP A 218 26.81 17.41 -7.35
C ASP A 218 26.08 18.42 -8.13
N MET A 219 25.62 18.02 -9.31
CA MET A 219 24.80 18.90 -10.09
C MET A 219 23.47 19.18 -9.39
N CYS A 220 22.78 18.11 -8.98
CA CYS A 220 21.51 18.23 -8.25
C CYS A 220 21.62 19.16 -7.03
N LEU A 221 22.68 19.01 -6.26
CA LEU A 221 22.76 19.79 -5.01
C LEU A 221 22.91 21.30 -5.32
N GLU A 222 23.59 21.61 -6.44
CA GLU A 222 23.64 22.99 -6.87
C GLU A 222 22.30 23.51 -7.37
N ILE A 223 21.59 22.70 -8.16
CA ILE A 223 20.27 23.15 -8.57
C ILE A 223 19.32 23.32 -7.38
N GLY A 224 19.40 22.46 -6.36
CA GLY A 224 18.46 22.58 -5.25
C GLY A 224 18.71 23.76 -4.37
N LYS A 225 19.96 24.18 -4.23
CA LYS A 225 20.27 25.43 -3.53
C LYS A 225 19.57 26.56 -4.23
N PHE A 226 19.83 26.65 -5.54
CA PHE A 226 19.12 27.66 -6.41
C PHE A 226 17.60 27.70 -6.21
N PHE A 227 16.99 26.49 -6.27
CA PHE A 227 15.54 26.33 -6.10
C PHE A 227 15.03 26.88 -4.75
N GLN A 228 15.82 26.61 -3.68
CA GLN A 228 15.38 27.08 -2.38
C GLN A 228 15.56 28.59 -2.21
N ILE A 229 16.56 29.14 -2.90
CA ILE A 229 16.72 30.60 -2.80
C ILE A 229 15.47 31.21 -3.45
N GLN A 230 15.01 30.60 -4.59
CA GLN A 230 13.74 31.08 -5.18
C GLN A 230 12.51 30.91 -4.27
N ASP A 231 12.41 29.71 -3.62
CA ASP A 231 11.35 29.51 -2.63
C ASP A 231 11.35 30.63 -1.58
N ASP A 232 12.56 30.96 -1.11
CA ASP A 232 12.64 31.99 -0.03
C ASP A 232 12.21 33.40 -0.56
N TYR A 233 12.64 33.68 -1.76
CA TYR A 233 12.19 34.94 -2.39
C TYR A 233 10.68 35.00 -2.53
N ILE A 234 10.11 33.90 -3.02
CA ILE A 234 8.68 33.81 -3.20
C ILE A 234 7.90 33.91 -1.92
N ASP A 235 8.51 33.51 -0.78
CA ASP A 235 7.80 33.60 0.48
C ASP A 235 7.44 35.03 0.78
N CYS A 236 8.35 35.92 0.41
CA CYS A 236 8.19 37.36 0.74
C CYS A 236 7.42 38.08 -0.37
N TYR A 237 7.81 37.82 -1.58
CA TYR A 237 7.39 38.63 -2.72
C TYR A 237 6.29 37.91 -3.60
N GLY A 238 6.03 36.64 -3.36
CA GLY A 238 5.08 35.97 -4.21
C GLY A 238 3.66 36.39 -4.00
N ASP A 239 2.90 36.21 -5.08
CA ASP A 239 1.47 36.49 -5.08
C ASP A 239 0.76 35.22 -4.55
N GLU A 240 0.15 35.31 -3.38
CA GLU A 240 -0.60 34.19 -2.79
C GLU A 240 -1.60 33.48 -3.71
N SER A 241 -2.31 34.26 -4.52
CA SER A 241 -3.23 33.69 -5.49
C SER A 241 -2.49 32.79 -6.48
N LEU A 242 -1.17 32.97 -6.71
CA LEU A 242 -0.43 32.02 -7.51
C LEU A 242 0.29 30.88 -6.74
N THR A 243 0.87 31.23 -5.59
CA THR A 243 1.64 30.28 -4.81
C THR A 243 0.75 29.34 -4.02
N GLY A 244 -0.42 29.80 -3.62
CA GLY A 244 -1.32 28.99 -2.84
C GLY A 244 -1.10 29.03 -1.34
N LYS A 245 -0.11 29.82 -0.86
CA LYS A 245 0.31 29.73 0.55
C LYS A 245 0.71 31.12 1.03
N MET A 246 0.36 31.38 2.25
CA MET A 246 0.73 32.63 2.90
C MET A 246 2.16 32.40 3.47
N GLY A 247 3.10 33.31 3.16
CA GLY A 247 4.50 33.19 3.63
C GLY A 247 4.58 33.47 5.11
N THR A 248 5.48 32.77 5.81
CA THR A 248 5.65 32.95 7.21
C THR A 248 7.13 33.11 7.61
N ASP A 249 8.05 33.20 6.63
CA ASP A 249 9.46 33.20 6.96
C ASP A 249 9.84 34.37 7.91
N ILE A 250 9.26 35.55 7.69
CA ILE A 250 9.59 36.73 8.57
C ILE A 250 9.07 36.57 9.98
N GLN A 251 7.80 36.19 10.12
CA GLN A 251 7.18 35.96 11.44
C GLN A 251 7.86 34.86 12.20
N GLU A 252 8.34 33.84 11.47
CA GLU A 252 9.00 32.68 12.11
C GLU A 252 10.50 32.84 12.33
N ALA A 253 11.05 34.00 12.01
CA ALA A 253 12.48 34.26 12.16
C ALA A 253 13.36 33.30 11.42
N LYS A 254 13.02 32.97 10.17
CA LYS A 254 13.80 31.98 9.43
C LYS A 254 15.11 32.57 8.89
N CYS A 255 16.09 31.70 8.82
CA CYS A 255 17.40 31.98 8.19
C CYS A 255 17.20 31.81 6.69
N SER A 256 16.37 32.68 6.18
CA SER A 256 16.06 32.72 4.70
C SER A 256 17.19 33.45 3.95
N TRP A 257 17.27 33.18 2.65
CA TRP A 257 18.23 33.89 1.84
C TRP A 257 18.02 35.43 1.99
N LEU A 258 16.79 35.88 2.06
CA LEU A 258 16.56 37.34 2.24
C LEU A 258 17.07 37.89 3.55
N ALA A 259 16.88 37.15 4.64
CA ALA A 259 17.43 37.60 5.92
C ALA A 259 18.94 37.65 5.89
N VAL A 260 19.60 36.61 5.36
CA VAL A 260 21.04 36.56 5.25
C VAL A 260 21.57 37.76 4.45
N MET A 261 20.98 37.99 3.26
CA MET A 261 21.38 39.14 2.40
C MET A 261 21.07 40.46 3.07
N ALA A 262 19.95 40.60 3.79
CA ALA A 262 19.68 41.84 4.49
C ALA A 262 20.77 42.16 5.53
N LEU A 263 21.16 41.18 6.30
CA LEU A 263 22.26 41.38 7.24
C LEU A 263 23.57 41.78 6.55
N GLN A 264 23.82 41.32 5.30
CA GLN A 264 25.02 41.69 4.56
C GLN A 264 25.04 43.25 4.35
N ARG A 265 23.87 43.87 4.28
CA ARG A 265 23.73 45.23 3.79
C ARG A 265 23.27 46.20 4.84
N CYS A 266 22.69 45.72 5.96
CA CYS A 266 22.26 46.64 7.01
C CYS A 266 23.37 47.63 7.51
N SER A 267 23.01 48.92 7.57
CA SER A 267 23.73 49.88 8.48
C SER A 267 23.58 49.46 9.92
N ALA A 268 24.30 50.11 10.84
CA ALA A 268 24.12 49.80 12.22
C ALA A 268 22.70 50.05 12.69
N SER A 269 22.14 51.16 12.25
CA SER A 269 20.77 51.49 12.66
C SER A 269 19.72 50.52 12.03
N GLN A 270 19.97 50.15 10.79
CA GLN A 270 19.11 49.14 10.12
C GLN A 270 19.16 47.75 10.79
N LYS A 271 20.34 47.33 11.26
CA LYS A 271 20.44 46.08 12.04
C LYS A 271 19.58 46.13 13.30
N ILE A 272 19.53 47.29 13.99
CA ILE A 272 18.56 47.41 15.13
C ILE A 272 17.09 47.29 14.72
N VAL A 273 16.69 47.81 13.59
CA VAL A 273 15.34 47.69 13.13
C VAL A 273 15.09 46.18 12.81
N PHE A 274 16.06 45.53 12.17
CA PHE A 274 15.93 44.13 11.86
C PHE A 274 15.70 43.32 13.12
N THR A 275 16.57 43.46 14.09
CA THR A 275 16.52 42.68 15.29
C THR A 275 15.26 43.01 16.10
N THR A 276 14.80 44.26 16.09
CA THR A 276 13.55 44.62 16.76
C THR A 276 12.31 43.97 16.13
N CYS A 277 12.27 43.93 14.80
CA CYS A 277 11.06 43.60 14.10
C CYS A 277 10.97 42.15 13.53
N TYR A 278 12.09 41.51 13.31
CA TYR A 278 12.10 40.18 12.67
C TYR A 278 11.52 39.15 13.70
N GLY A 279 10.81 38.13 13.21
CA GLY A 279 10.39 37.06 14.12
C GLY A 279 9.14 37.46 14.90
N SER A 280 8.36 38.39 14.44
CA SER A 280 7.17 38.85 15.14
C SER A 280 5.98 38.70 14.26
N LYS A 281 4.87 38.27 14.86
CA LYS A 281 3.60 38.22 14.11
C LYS A 281 2.82 39.52 14.02
N GLU A 282 3.27 40.58 14.67
CA GLU A 282 2.62 41.89 14.49
C GLU A 282 2.73 42.36 13.10
N PRO A 283 1.59 42.71 12.49
CA PRO A 283 1.69 43.16 11.10
C PRO A 283 2.58 44.41 10.86
N ALA A 284 2.66 45.34 11.80
CA ALA A 284 3.51 46.53 11.58
C ALA A 284 4.99 46.09 11.52
N HIS A 285 5.33 45.08 12.32
CA HIS A 285 6.73 44.56 12.35
C HIS A 285 7.09 43.90 11.06
N ILE A 286 6.16 43.11 10.50
CA ILE A 286 6.44 42.33 9.30
C ILE A 286 6.63 43.33 8.16
N GLU A 287 5.77 44.34 8.13
CA GLU A 287 5.85 45.31 7.10
C GLU A 287 7.14 46.13 7.18
N ARG A 288 7.61 46.38 8.39
CA ARG A 288 8.84 47.15 8.56
C ARG A 288 10.01 46.34 7.93
N ILE A 289 10.01 45.03 8.12
CA ILE A 289 11.03 44.18 7.52
C ILE A 289 10.94 44.25 6.01
N LYS A 290 9.73 44.14 5.48
CA LYS A 290 9.60 44.18 4.05
C LYS A 290 10.08 45.52 3.46
N GLU A 291 9.78 46.57 4.15
CA GLU A 291 10.25 47.90 3.76
CA GLU A 291 10.26 47.88 3.70
C GLU A 291 11.81 47.92 3.73
N LEU A 292 12.42 47.37 4.79
CA LEU A 292 13.85 47.29 4.88
C LEU A 292 14.42 46.52 3.69
N TYR A 293 13.85 45.33 3.36
CA TYR A 293 14.33 44.57 2.28
C TYR A 293 14.29 45.37 0.99
N LYS A 294 13.22 46.13 0.83
CA LYS A 294 13.12 47.03 -0.37
C LYS A 294 14.24 48.14 -0.39
N GLN A 295 14.40 48.78 0.75
CA GLN A 295 15.43 49.88 0.95
C GLN A 295 16.82 49.32 0.61
N LEU A 296 17.09 48.05 1.00
CA LEU A 296 18.36 47.41 0.71
C LEU A 296 18.55 46.82 -0.67
N GLN A 297 17.54 46.95 -1.52
CA GLN A 297 17.55 46.54 -2.90
C GLN A 297 17.66 45.06 -3.07
N LEU A 298 17.04 44.32 -2.11
CA LEU A 298 17.11 42.88 -2.25
C LEU A 298 16.39 42.35 -3.50
N PRO A 299 15.29 42.99 -3.90
CA PRO A 299 14.76 42.49 -5.21
C PRO A 299 15.67 42.52 -6.38
N GLU A 300 16.42 43.61 -6.50
CA GLU A 300 17.39 43.68 -7.55
C GLU A 300 18.54 42.68 -7.40
N LEU A 301 19.00 42.48 -6.16
CA LEU A 301 20.05 41.49 -5.93
C LEU A 301 19.59 40.07 -6.34
N TYR A 302 18.34 39.77 -5.99
CA TYR A 302 17.77 38.49 -6.33
C TYR A 302 17.76 38.27 -7.86
N ALA A 303 17.23 39.26 -8.58
CA ALA A 303 17.16 39.11 -10.06
C ALA A 303 18.54 38.86 -10.61
N GLN A 304 19.56 39.58 -10.13
CA GLN A 304 20.91 39.41 -10.66
C GLN A 304 21.56 38.09 -10.22
N GLU A 305 21.35 37.71 -8.95
CA GLU A 305 21.86 36.45 -8.49
C GLU A 305 21.13 35.23 -9.16
N GLU A 306 19.84 35.35 -9.37
CA GLU A 306 19.10 34.28 -10.07
C GLU A 306 19.78 34.08 -11.45
N THR A 307 20.09 35.19 -12.17
CA THR A 307 20.76 35.00 -13.47
C THR A 307 22.13 34.51 -13.43
N ARG A 308 22.95 35.02 -12.47
CA ARG A 308 24.30 34.54 -12.37
C ARG A 308 24.29 33.05 -12.04
N MET A 309 23.41 32.63 -11.09
CA MET A 309 23.38 31.23 -10.72
C MET A 309 22.88 30.36 -11.91
N TYR A 310 21.85 30.84 -12.54
CA TYR A 310 21.35 30.20 -13.78
C TYR A 310 22.43 29.94 -14.80
N GLU A 311 23.28 30.97 -15.07
CA GLU A 311 24.33 30.83 -16.07
C GLU A 311 25.37 29.86 -15.63
N SER A 312 25.66 29.82 -14.32
CA SER A 312 26.61 28.92 -13.76
C SER A 312 26.10 27.44 -13.83
N LEU A 313 24.84 27.27 -13.50
CA LEU A 313 24.23 25.88 -13.54
C LEU A 313 24.23 25.30 -15.01
N ILE A 314 23.87 26.18 -15.95
CA ILE A 314 23.85 25.83 -17.40
C ILE A 314 25.24 25.39 -17.85
N LYS A 315 26.27 26.11 -17.45
CA LYS A 315 27.63 25.70 -17.78
C LYS A 315 28.01 24.39 -17.13
N GLN A 316 27.62 24.23 -15.89
CA GLN A 316 27.84 22.98 -15.21
C GLN A 316 27.17 21.84 -15.98
N ALA A 317 25.94 22.04 -16.39
CA ALA A 317 25.15 21.00 -17.05
C ALA A 317 25.83 20.61 -18.40
N HIS A 318 26.24 21.62 -19.14
CA HIS A 318 27.06 21.39 -20.38
C HIS A 318 28.34 20.62 -20.15
N GLY A 319 28.95 20.67 -18.98
CA GLY A 319 30.18 19.94 -18.74
C GLY A 319 30.00 18.50 -18.22
N LEU A 320 28.77 18.03 -18.09
CA LEU A 320 28.52 16.67 -17.59
C LEU A 320 28.81 15.64 -18.70
N PRO A 321 29.23 14.44 -18.34
CA PRO A 321 29.35 13.34 -19.33
C PRO A 321 28.04 13.16 -20.09
N SER A 322 28.12 12.77 -21.36
CA SER A 322 26.91 12.66 -22.18
C SER A 322 26.01 11.53 -21.66
N GLU A 323 26.60 10.59 -20.93
CA GLU A 323 25.85 9.52 -20.28
C GLU A 323 24.87 10.04 -19.23
N LEU A 324 25.13 11.22 -18.65
CA LEU A 324 24.21 11.92 -17.72
C LEU A 324 23.26 12.88 -18.36
N SER A 325 23.30 12.99 -19.68
CA SER A 325 22.36 13.85 -20.44
C SER A 325 22.43 15.32 -20.02
N PRO A 326 23.48 16.03 -20.48
CA PRO A 326 23.43 17.49 -20.34
C PRO A 326 22.09 18.08 -20.64
N ALA A 327 21.41 17.58 -21.65
CA ALA A 327 20.10 18.16 -22.03
C ALA A 327 19.02 18.03 -20.90
N LEU A 328 19.07 16.91 -20.18
CA LEU A 328 18.10 16.72 -19.04
C LEU A 328 18.27 17.93 -18.09
N PHE A 329 19.50 18.13 -17.70
CA PHE A 329 19.80 19.10 -16.63
C PHE A 329 19.53 20.52 -17.09
N VAL A 330 19.92 20.82 -18.35
CA VAL A 330 19.58 22.12 -18.91
C VAL A 330 18.14 22.33 -18.88
N ARG A 331 17.35 21.28 -19.23
CA ARG A 331 15.91 21.47 -19.23
C ARG A 331 15.28 21.64 -17.81
N LEU A 332 15.78 20.88 -16.86
CA LEU A 332 15.41 21.11 -15.45
C LEU A 332 15.69 22.54 -14.96
N ILE A 333 16.83 23.09 -15.36
CA ILE A 333 17.23 24.46 -14.94
C ILE A 333 16.30 25.44 -15.55
N HIS A 334 16.05 25.21 -16.86
CA HIS A 334 15.14 26.07 -17.57
C HIS A 334 13.80 26.12 -17.08
N MET A 335 13.26 24.97 -16.67
CA MET A 335 11.89 24.91 -16.15
C MET A 335 11.68 25.78 -14.89
N ILE A 336 12.73 26.00 -14.10
CA ILE A 336 12.57 26.79 -12.87
C ILE A 336 13.05 28.23 -12.91
N TYR A 337 13.95 28.52 -13.83
CA TYR A 337 14.47 29.90 -13.94
C TYR A 337 13.36 30.89 -14.21
N LYS A 338 13.32 31.97 -13.42
CA LYS A 338 12.27 32.95 -13.43
C LYS A 338 10.94 32.52 -12.97
N ARG A 339 10.79 31.39 -12.27
CA ARG A 339 9.44 31.02 -11.79
C ARG A 339 8.94 32.04 -10.78
N ASN A 340 7.62 32.23 -10.73
CA ASN A 340 7.01 33.09 -9.74
C ASN A 340 6.17 32.32 -8.74
N HIS A 341 6.20 31.00 -8.80
CA HIS A 341 5.57 30.15 -7.79
C HIS A 341 6.22 28.83 -7.89
N LYS B 2 19.73 -10.90 29.52
CA LYS B 2 19.55 -10.00 30.70
C LYS B 2 19.72 -8.51 30.32
N LYS B 3 19.05 -7.67 31.11
CA LYS B 3 18.93 -6.25 30.86
C LYS B 3 20.25 -5.46 30.79
N GLU B 4 21.13 -5.54 31.79
CA GLU B 4 22.41 -4.75 31.68
C GLU B 4 23.36 -5.19 30.48
N SER B 5 23.28 -6.46 30.09
CA SER B 5 24.08 -7.02 29.00
C SER B 5 23.51 -6.49 27.66
N PHE B 6 22.19 -6.21 27.68
CA PHE B 6 21.47 -5.50 26.62
C PHE B 6 21.82 -4.02 26.63
N GLU B 7 21.80 -3.36 27.77
CA GLU B 7 22.12 -1.92 27.86
C GLU B 7 23.60 -1.58 27.53
N ASP B 8 24.48 -2.55 27.68
CA ASP B 8 25.92 -2.38 27.37
C ASP B 8 26.16 -2.10 25.92
N VAL B 9 25.31 -2.64 25.05
CA VAL B 9 25.43 -2.45 23.60
C VAL B 9 25.01 -1.07 23.11
N LEU B 10 24.31 -0.29 23.92
CA LEU B 10 23.83 0.98 23.44
C LEU B 10 24.85 2.00 22.86
N PRO B 11 26.02 2.16 23.51
CA PRO B 11 26.96 3.15 22.92
C PRO B 11 27.42 2.79 21.52
N SER B 12 27.56 1.51 21.20
CA SER B 12 27.95 1.21 19.83
C SER B 12 26.83 1.54 18.83
N ILE B 13 25.56 1.36 19.22
CA ILE B 13 24.40 1.69 18.36
C ILE B 13 24.41 3.15 18.04
N LEU B 14 24.51 3.98 19.07
CA LEU B 14 24.54 5.42 18.85
C LEU B 14 25.69 5.83 17.95
N ASN B 15 26.85 5.22 18.15
CA ASN B 15 28.01 5.50 17.28
C ASN B 15 27.82 5.11 15.81
N THR B 16 27.17 3.96 15.56
CA THR B 16 26.86 3.56 14.23
C THR B 16 25.97 4.59 13.55
N ILE B 17 24.99 5.10 14.27
CA ILE B 17 24.01 6.01 13.65
C ILE B 17 24.65 7.24 12.93
N THR B 18 25.53 7.85 13.66
CA THR B 18 26.42 8.90 13.11
C THR B 18 27.38 8.52 11.90
N THR B 19 28.34 7.69 12.19
CA THR B 19 29.34 7.30 11.20
C THR B 19 28.76 6.67 9.91
N ASN B 20 27.67 5.86 10.00
CA ASN B 20 27.04 5.22 8.80
C ASN B 20 26.20 6.24 7.95
N SER B 21 26.01 7.50 8.42
CA SER B 21 25.20 8.49 7.64
C SER B 21 25.89 9.80 7.29
N GLU B 22 25.20 10.66 6.54
CA GLU B 22 25.57 12.04 6.37
C GLU B 22 25.69 12.85 7.67
N LEU B 23 25.43 12.29 8.83
CA LEU B 23 25.57 13.09 10.08
C LEU B 23 26.99 13.46 10.34
N THR B 24 27.95 12.72 9.76
CA THR B 24 29.36 13.02 10.03
C THR B 24 29.71 14.43 9.54
N GLU B 25 29.02 14.91 8.52
CA GLU B 25 29.28 16.28 8.00
C GLU B 25 28.61 17.41 8.80
N VAL B 26 27.67 17.09 9.71
CA VAL B 26 26.82 18.08 10.39
C VAL B 26 26.80 17.81 11.90
N PRO B 27 27.91 18.15 12.60
CA PRO B 27 28.03 17.82 14.04
C PRO B 27 26.95 18.44 14.90
N GLU B 28 26.44 19.63 14.53
CA GLU B 28 25.28 20.21 15.21
C GLU B 28 24.12 19.18 15.32
N VAL B 29 23.89 18.46 14.21
CA VAL B 29 22.77 17.56 14.17
C VAL B 29 23.15 16.23 14.80
N ALA B 30 24.33 15.71 14.55
CA ALA B 30 24.79 14.50 15.21
C ALA B 30 24.71 14.55 16.73
N ASN B 31 25.08 15.69 17.27
CA ASN B 31 25.05 15.94 18.70
C ASN B 31 23.63 16.03 19.22
N TRP B 32 22.74 16.64 18.46
CA TRP B 32 21.37 16.72 18.79
C TRP B 32 20.72 15.35 18.80
N LEU B 33 21.00 14.56 17.76
CA LEU B 33 20.37 13.23 17.65
C LEU B 33 20.82 12.27 18.78
N LYS B 34 22.08 12.40 19.18
CA LYS B 34 22.55 11.70 20.33
C LYS B 34 21.78 12.09 21.56
N LYS B 35 21.49 13.36 21.78
CA LYS B 35 20.60 13.75 22.87
C LYS B 35 19.17 13.20 22.76
N VAL B 36 18.61 13.29 21.55
CA VAL B 36 17.27 12.75 21.29
C VAL B 36 17.26 11.28 21.70
N LEU B 37 18.25 10.53 21.26
CA LEU B 37 18.24 9.08 21.49
C LEU B 37 18.44 8.75 22.95
N GLU B 38 19.39 9.44 23.60
CA GLU B 38 19.63 9.20 25.00
C GLU B 38 18.41 9.51 25.87
N TYR B 39 17.72 10.60 25.60
CA TYR B 39 16.60 10.97 26.46
C TYR B 39 15.44 10.02 26.19
N ASN B 40 15.18 9.72 24.93
CA ASN B 40 13.98 8.93 24.65
C ASN B 40 14.18 7.45 24.83
N LEU B 41 15.42 6.99 24.95
CA LEU B 41 15.67 5.56 25.17
C LEU B 41 16.04 5.25 26.62
N ALA B 42 16.31 6.26 27.44
CA ALA B 42 16.70 6.03 28.86
C ALA B 42 15.61 5.30 29.70
N GLY B 43 16.12 4.48 30.62
CA GLY B 43 15.36 3.78 31.61
C GLY B 43 14.39 2.80 31.01
N GLY B 44 13.27 2.68 31.70
CA GLY B 44 12.25 1.65 31.43
C GLY B 44 12.80 0.25 31.48
N LYS B 45 11.91 -0.68 31.13
CA LYS B 45 12.19 -2.11 31.28
C LYS B 45 12.99 -2.65 30.09
N LYS B 46 13.06 -1.93 28.94
CA LYS B 46 13.69 -2.48 27.70
C LYS B 46 13.02 -3.79 27.27
N ALA B 47 11.71 -3.86 27.46
CA ALA B 47 11.00 -5.10 27.37
C ALA B 47 10.98 -5.54 25.91
N ARG B 48 10.68 -4.64 24.96
CA ARG B 48 10.56 -5.08 23.59
C ARG B 48 11.94 -5.52 23.04
N GLY B 49 12.98 -4.82 23.44
CA GLY B 49 14.30 -5.19 23.09
C GLY B 49 14.69 -6.57 23.59
N LEU B 50 14.43 -6.78 24.86
CA LEU B 50 14.65 -8.11 25.45
C LEU B 50 13.80 -9.21 24.86
N THR B 51 12.54 -8.95 24.51
CA THR B 51 11.76 -9.95 23.81
C THR B 51 12.49 -10.45 22.57
N THR B 52 13.08 -9.53 21.78
CA THR B 52 13.79 -9.86 20.59
C THR B 52 14.99 -10.81 20.85
N LEU B 53 15.74 -10.46 21.86
CA LEU B 53 16.89 -11.24 22.27
C LEU B 53 16.45 -12.60 22.78
N PHE B 54 15.46 -12.64 23.67
CA PHE B 54 14.94 -13.90 24.25
C PHE B 54 14.35 -14.77 23.18
N ALA B 55 13.60 -14.19 22.23
CA ALA B 55 13.00 -14.93 21.18
C ALA B 55 14.11 -15.66 20.37
N TYR B 56 15.16 -14.92 20.02
CA TYR B 56 16.28 -15.54 19.26
C TYR B 56 16.96 -16.65 20.10
N GLU B 57 17.25 -16.34 21.33
CA GLU B 57 18.02 -17.29 22.18
C GLU B 57 17.24 -18.55 22.48
N MET B 58 15.89 -18.50 22.53
CA MET B 58 15.13 -19.69 22.83
C MET B 58 14.71 -20.40 21.59
N LEU B 59 14.66 -19.70 20.42
CA LEU B 59 14.23 -20.34 19.15
C LEU B 59 15.40 -21.01 18.36
N GLU B 60 16.58 -20.43 18.48
CA GLU B 60 17.75 -20.91 17.82
C GLU B 60 18.27 -22.14 18.57
N LYS B 61 18.86 -23.11 17.87
CA LYS B 61 19.47 -24.28 18.56
C LYS B 61 20.69 -23.85 19.34
N PRO B 62 20.87 -24.31 20.59
CA PRO B 62 22.00 -23.79 21.36
C PRO B 62 23.37 -23.86 20.64
N GLU B 63 23.55 -24.89 19.79
CA GLU B 63 24.81 -25.15 19.06
C GLU B 63 25.13 -24.08 18.04
N ASN B 64 24.13 -23.29 17.65
CA ASN B 64 24.28 -22.20 16.65
C ASN B 64 24.44 -20.77 17.20
N ILE B 65 24.39 -20.59 18.50
CA ILE B 65 24.40 -19.23 19.07
C ILE B 65 25.86 -18.96 19.29
N THR B 66 26.34 -17.82 18.88
CA THR B 66 27.70 -17.38 19.08
C THR B 66 27.68 -16.01 19.71
N GLU B 67 28.83 -15.51 20.10
CA GLU B 67 28.88 -14.16 20.68
C GLU B 67 28.42 -13.14 19.61
N GLU B 68 28.68 -13.45 18.35
CA GLU B 68 28.38 -12.55 17.27
C GLU B 68 26.85 -12.57 16.98
N THR B 69 26.20 -13.72 16.93
CA THR B 69 24.71 -13.71 16.71
C THR B 69 23.97 -13.11 17.94
N ILE B 70 24.49 -13.27 19.18
CA ILE B 70 23.88 -12.63 20.35
C ILE B 70 23.96 -11.12 20.18
N TYR B 71 25.12 -10.58 19.70
CA TYR B 71 25.29 -9.14 19.51
C TYR B 71 24.28 -8.64 18.45
N LEU B 72 24.08 -9.43 17.40
CA LEU B 72 23.14 -9.05 16.34
C LEU B 72 21.71 -9.03 16.87
N ALA B 73 21.37 -9.99 17.70
CA ALA B 73 20.06 -10.05 18.32
C ALA B 73 19.82 -8.85 19.20
N LYS B 74 20.79 -8.46 19.98
CA LYS B 74 20.68 -7.21 20.76
C LYS B 74 20.55 -5.97 19.87
N THR B 75 21.29 -5.94 18.79
CA THR B 75 21.20 -4.88 17.84
C THR B 75 19.80 -4.72 17.29
N LEU B 76 19.16 -5.81 16.87
CA LEU B 76 17.76 -5.77 16.39
C LEU B 76 16.83 -5.36 17.54
N GLY B 77 17.09 -5.84 18.75
CA GLY B 77 16.27 -5.41 19.91
C GLY B 77 16.35 -3.89 20.15
N TRP B 78 17.53 -3.29 19.96
CA TRP B 78 17.68 -1.83 20.06
C TRP B 78 16.92 -1.14 18.94
N CYS B 79 16.87 -1.74 17.77
CA CYS B 79 16.08 -1.11 16.72
C CYS B 79 14.56 -1.09 17.10
N VAL B 80 14.11 -2.14 17.77
CA VAL B 80 12.73 -2.16 18.21
C VAL B 80 12.52 -1.05 19.31
N GLU B 81 13.49 -0.90 20.21
CA GLU B 81 13.43 0.17 21.23
C GLU B 81 13.43 1.53 20.59
N ILE B 82 14.21 1.71 19.51
CA ILE B 82 14.16 2.99 18.78
C ILE B 82 12.78 3.21 18.19
N LEU B 83 12.24 2.16 17.53
CA LEU B 83 10.89 2.23 17.00
C LEU B 83 9.89 2.64 18.10
N GLN B 84 9.95 2.00 19.24
CA GLN B 84 9.01 2.31 20.30
C GLN B 84 9.18 3.80 20.75
N GLY B 85 10.43 4.23 20.88
CA GLY B 85 10.75 5.66 21.15
C GLY B 85 10.11 6.65 20.25
N PHE B 86 10.18 6.35 18.98
CA PHE B 86 9.58 7.14 17.91
C PHE B 86 8.05 7.16 18.09
N LEU B 87 7.47 5.95 18.24
CA LEU B 87 6.05 5.85 18.29
C LEU B 87 5.47 6.65 19.46
N VAL B 88 6.08 6.50 20.64
CA VAL B 88 5.52 7.17 21.82
C VAL B 88 5.82 8.70 21.82
N MET B 89 6.90 9.10 21.14
CA MET B 89 7.16 10.55 20.95
C MET B 89 5.96 11.20 20.31
N LEU B 90 5.45 10.61 19.22
CA LEU B 90 4.31 11.07 18.55
C LEU B 90 3.03 10.87 19.31
N ASP B 91 2.92 9.71 19.93
CA ASP B 91 1.73 9.44 20.72
C ASP B 91 1.50 10.39 21.87
N ASP B 92 2.59 10.76 22.54
CA ASP B 92 2.50 11.74 23.62
C ASP B 92 1.93 13.14 23.14
N ILE B 93 2.28 13.55 21.93
CA ILE B 93 1.71 14.74 21.30
C ILE B 93 0.23 14.58 21.14
N MET B 94 -0.22 13.48 20.57
CA MET B 94 -1.61 13.30 20.30
C MET B 94 -2.46 13.09 21.50
N ASP B 95 -1.88 12.49 22.53
CA ASP B 95 -2.63 12.18 23.75
C ASP B 95 -2.55 13.29 24.83
N GLY B 96 -1.83 14.38 24.55
CA GLY B 96 -1.76 15.42 25.52
C GLY B 96 -1.04 15.02 26.77
N SER B 97 -0.12 14.09 26.70
CA SER B 97 0.61 13.64 27.84
C SER B 97 1.63 14.63 28.34
N THR B 98 1.96 14.49 29.61
CA THR B 98 2.91 15.42 30.28
C THR B 98 4.22 14.78 30.62
N THR B 99 4.16 13.60 31.25
CA THR B 99 5.32 12.85 31.64
C THR B 99 5.41 11.43 30.98
N ARG B 100 6.63 10.96 30.82
CA ARG B 100 6.90 9.57 30.51
C ARG B 100 8.26 9.25 31.06
N ARG B 101 8.31 8.07 31.64
CA ARG B 101 9.51 7.53 32.31
C ARG B 101 9.97 8.52 33.41
N GLY B 102 9.03 9.27 34.01
CA GLY B 102 9.33 10.06 35.18
C GLY B 102 9.92 11.39 34.88
N VAL B 103 9.95 11.80 33.61
CA VAL B 103 10.40 13.09 33.16
C VAL B 103 9.40 13.67 32.14
N PRO B 104 9.52 14.94 31.83
CA PRO B 104 8.67 15.46 30.77
C PRO B 104 8.75 14.67 29.41
N CYS B 105 7.64 14.51 28.74
CA CYS B 105 7.64 13.93 27.41
C CYS B 105 8.45 14.85 26.54
N TRP B 106 9.14 14.25 25.61
CA TRP B 106 10.01 15.05 24.71
C TRP B 106 9.36 16.33 24.13
N TYR B 107 8.17 16.25 23.60
CA TYR B 107 7.51 17.45 23.01
C TYR B 107 7.17 18.61 24.02
N GLN B 108 7.16 18.28 25.28
CA GLN B 108 6.84 19.18 26.35
C GLN B 108 8.10 20.00 26.68
N LEU B 109 9.31 19.62 26.23
CA LEU B 109 10.45 20.41 26.55
C LEU B 109 10.35 21.74 25.79
N PRO B 110 10.70 22.86 26.47
CA PRO B 110 10.59 24.21 25.84
C PRO B 110 11.36 24.43 24.52
N GLU B 111 12.52 23.83 24.43
CA GLU B 111 13.29 23.95 23.22
C GLU B 111 12.87 22.97 22.14
N VAL B 112 11.87 22.11 22.43
CA VAL B 112 11.45 21.12 21.41
C VAL B 112 10.13 21.49 20.86
N GLY B 113 9.08 21.41 21.66
CA GLY B 113 7.74 21.67 21.22
C GLY B 113 7.29 20.79 20.08
N LEU B 114 6.54 21.34 19.14
CA LEU B 114 6.11 20.61 17.95
C LEU B 114 7.22 20.26 16.95
N ALA B 115 8.44 20.78 17.11
CA ALA B 115 9.55 20.28 16.34
C ALA B 115 9.90 18.84 16.72
N ALA B 116 9.32 18.31 17.81
CA ALA B 116 9.41 16.89 18.10
C ALA B 116 8.97 16.07 16.88
N VAL B 117 8.09 16.58 16.02
CA VAL B 117 7.77 15.77 14.81
C VAL B 117 9.02 15.54 13.93
N ASN B 118 9.95 16.50 13.88
CA ASN B 118 11.18 16.27 13.18
C ASN B 118 12.12 15.35 13.85
N ASP B 119 12.21 15.42 15.18
CA ASP B 119 13.05 14.51 15.92
C ASP B 119 12.55 13.01 15.73
N SER B 120 11.26 12.87 15.65
CA SER B 120 10.69 11.52 15.38
C SER B 120 11.20 10.92 14.06
N SER B 121 11.28 11.74 13.00
CA SER B 121 11.80 11.29 11.74
C SER B 121 13.24 10.94 11.81
N LEU B 122 14.04 11.73 12.57
CA LEU B 122 15.43 11.36 12.75
C LEU B 122 15.57 9.97 13.41
N MET B 123 14.79 9.73 14.45
CA MET B 123 14.78 8.41 15.09
C MET B 123 14.38 7.26 14.18
N PHE B 124 13.23 7.40 13.55
CA PHE B 124 12.81 6.36 12.60
C PHE B 124 13.87 6.03 11.61
N SER B 125 14.37 7.08 10.96
CA SER B 125 15.36 6.91 9.94
C SER B 125 16.64 6.22 10.42
N SER B 126 17.05 6.47 11.66
CA SER B 126 18.19 5.84 12.34
C SER B 126 18.16 4.34 12.29
N ILE B 127 16.95 3.81 12.49
CA ILE B 127 16.78 2.35 12.48
C ILE B 127 17.48 1.74 11.28
N PHE B 128 17.22 2.29 10.14
CA PHE B 128 17.66 1.75 8.87
C PHE B 128 19.16 1.83 8.64
N TYR B 129 19.83 2.82 9.23
CA TYR B 129 21.25 2.82 9.23
C TYR B 129 21.84 1.69 10.09
N VAL B 130 21.22 1.37 11.22
CA VAL B 130 21.70 0.29 12.06
C VAL B 130 21.51 -1.02 11.29
N LEU B 131 20.32 -1.18 10.67
CA LEU B 131 20.06 -2.43 9.96
C LEU B 131 21.12 -2.62 8.81
N HIS B 132 21.33 -1.55 8.04
CA HIS B 132 22.37 -1.54 6.99
C HIS B 132 23.75 -1.87 7.48
N ALA B 133 24.16 -1.25 8.56
CA ALA B 133 25.47 -1.47 9.13
C ALA B 133 25.69 -2.95 9.51
N HIS B 134 24.68 -3.63 10.04
CA HIS B 134 24.92 -4.94 10.55
C HIS B 134 24.46 -6.09 9.67
N PHE B 135 23.56 -5.76 8.73
CA PHE B 135 22.85 -6.76 7.98
C PHE B 135 22.88 -6.61 6.52
N ALA B 136 23.49 -5.55 5.99
CA ALA B 136 23.34 -5.31 4.58
C ALA B 136 23.75 -6.51 3.65
N ASP B 137 24.75 -7.28 4.06
CA ASP B 137 25.26 -8.37 3.23
C ASP B 137 24.66 -9.72 3.56
N LYS B 138 23.62 -9.72 4.40
CA LYS B 138 22.97 -10.94 4.80
C LYS B 138 21.71 -11.20 4.06
N LYS B 139 21.35 -12.48 3.89
CA LYS B 139 20.11 -12.82 3.18
C LYS B 139 18.85 -12.21 3.82
N ILE B 140 18.83 -12.12 5.14
CA ILE B 140 17.60 -11.61 5.80
C ILE B 140 17.44 -10.09 5.72
N TYR B 141 18.41 -9.38 5.15
CA TYR B 141 18.34 -7.88 5.14
C TYR B 141 17.00 -7.25 4.70
N THR B 142 16.48 -7.64 3.50
CA THR B 142 15.25 -7.06 3.04
C THR B 142 14.09 -7.46 3.92
N ASN B 143 14.08 -8.68 4.46
CA ASN B 143 13.02 -9.07 5.40
C ASN B 143 13.02 -8.08 6.64
N LEU B 144 14.18 -7.74 7.16
CA LEU B 144 14.27 -6.88 8.34
C LEU B 144 13.79 -5.49 8.01
N VAL B 145 14.20 -5.01 6.85
CA VAL B 145 13.81 -3.64 6.48
C VAL B 145 12.29 -3.58 6.28
N GLU B 146 11.75 -4.62 5.65
CA GLU B 146 10.31 -4.70 5.47
C GLU B 146 9.51 -4.82 6.80
N LEU B 147 10.00 -5.60 7.77
CA LEU B 147 9.28 -5.75 9.04
C LEU B 147 9.15 -4.42 9.77
N PHE B 148 10.20 -3.59 9.76
CA PHE B 148 10.14 -2.29 10.44
C PHE B 148 9.15 -1.35 9.72
N ASN B 149 9.22 -1.32 8.37
CA ASN B 149 8.23 -0.54 7.60
C ASN B 149 6.77 -1.01 7.85
N GLU B 150 6.54 -2.30 7.85
CA GLU B 150 5.23 -2.86 8.12
C GLU B 150 4.73 -2.53 9.52
N SER B 151 5.67 -2.48 10.47
CA SER B 151 5.32 -2.10 11.83
C SER B 151 4.86 -0.67 11.94
N LEU B 152 5.47 0.22 11.17
CA LEU B 152 4.98 1.58 11.11
C LEU B 152 3.56 1.69 10.58
N MET B 153 3.30 0.96 9.47
CA MET B 153 1.95 0.98 8.88
C MET B 153 0.96 0.41 9.87
N HIS B 154 1.26 -0.75 10.45
CA HIS B 154 0.28 -1.32 11.38
C HIS B 154 -0.04 -0.41 12.53
N THR B 155 1.03 0.12 13.19
CA THR B 155 0.87 1.02 14.26
C THR B 155 0.03 2.22 13.93
N SER B 156 0.30 2.79 12.75
CA SER B 156 -0.42 4.01 12.36
C SER B 156 -1.90 3.72 12.05
N ILE B 157 -2.17 2.53 11.54
CA ILE B 157 -3.55 2.10 11.34
C ILE B 157 -4.30 2.13 12.65
N GLY B 158 -3.68 1.55 13.70
CA GLY B 158 -4.29 1.48 15.02
C GLY B 158 -4.40 2.81 15.69
N GLN B 159 -3.37 3.61 15.51
CA GLN B 159 -3.42 4.95 16.04
C GLN B 159 -4.53 5.77 15.40
N HIS B 160 -4.81 5.54 14.11
CA HIS B 160 -5.89 6.26 13.50
C HIS B 160 -7.23 5.93 14.21
N LEU B 161 -7.48 4.65 14.38
CA LEU B 161 -8.71 4.22 15.09
C LEU B 161 -8.76 4.78 16.51
N ASP B 162 -7.61 4.88 17.14
CA ASP B 162 -7.47 5.34 18.55
C ASP B 162 -7.81 6.79 18.66
N VAL B 163 -7.29 7.63 17.76
CA VAL B 163 -7.31 9.09 17.97
C VAL B 163 -8.47 9.72 17.19
N THR B 164 -9.10 8.97 16.31
CA THR B 164 -10.06 9.58 15.43
C THR B 164 -11.27 10.19 16.18
N MET B 165 -11.71 11.35 15.64
CA MET B 165 -12.71 12.35 16.23
C MET B 165 -14.25 12.01 16.25
N ARG B 168 -15.65 9.53 19.26
CA ARG B 168 -17.08 9.82 19.57
C ARG B 168 -17.68 11.03 18.76
N GLN B 169 -18.95 11.32 19.06
CA GLN B 169 -19.59 12.64 18.78
C GLN B 169 -20.41 13.06 20.02
N LYS B 170 -19.85 13.94 20.84
CA LYS B 170 -20.52 14.43 22.05
C LYS B 170 -20.77 13.31 23.09
N SER B 171 -22.05 12.93 23.22
CA SER B 171 -22.50 11.89 24.13
C SER B 171 -22.89 10.63 23.34
N ASP B 172 -22.50 10.54 22.08
CA ASP B 172 -22.71 9.31 21.31
C ASP B 172 -21.43 8.41 21.47
N TYR B 173 -21.56 7.41 22.34
CA TYR B 173 -20.50 6.41 22.54
C TYR B 173 -20.86 5.11 21.87
N SER B 174 -21.68 5.16 20.83
CA SER B 174 -22.06 3.90 20.11
C SER B 174 -20.91 3.13 19.49
N LEU B 175 -19.77 3.79 19.21
CA LEU B 175 -18.64 3.06 18.65
C LEU B 175 -17.75 2.45 19.67
N PHE B 176 -17.99 2.65 20.96
CA PHE B 176 -17.12 2.11 22.01
C PHE B 176 -17.51 0.69 22.25
N THR B 177 -17.12 -0.17 21.35
CA THR B 177 -17.53 -1.57 21.40
C THR B 177 -16.27 -2.43 21.48
N ILE B 178 -16.44 -3.68 21.82
CA ILE B 178 -15.32 -4.60 21.79
C ILE B 178 -14.76 -4.84 20.38
N GLU B 179 -15.60 -4.83 19.33
CA GLU B 179 -15.12 -4.95 18.00
C GLU B 179 -14.10 -3.82 17.68
N ARG B 180 -14.47 -2.62 18.03
CA ARG B 180 -13.57 -1.45 17.81
C ARG B 180 -12.31 -1.60 18.66
N TYR B 181 -12.50 -1.90 19.93
CA TYR B 181 -11.39 -2.13 20.85
C TYR B 181 -10.42 -3.15 20.31
N ASN B 182 -10.93 -4.27 19.84
CA ASN B 182 -10.06 -5.33 19.37
C ASN B 182 -9.22 -4.86 18.20
N ALA B 183 -9.85 -4.14 17.28
CA ALA B 183 -9.12 -3.58 16.14
C ALA B 183 -8.07 -2.58 16.56
N ILE B 184 -8.41 -1.66 17.46
CA ILE B 184 -7.44 -0.70 17.92
C ILE B 184 -6.19 -1.40 18.41
N VAL B 185 -6.39 -2.27 19.37
CA VAL B 185 -5.23 -2.79 20.09
C VAL B 185 -4.40 -3.81 19.28
N LYS B 186 -5.03 -4.55 18.38
CA LYS B 186 -4.34 -5.43 17.39
C LYS B 186 -3.32 -4.61 16.62
N TYR B 187 -3.76 -3.48 16.04
CA TYR B 187 -2.93 -2.67 15.16
C TYR B 187 -1.98 -1.75 15.97
N LYS B 188 -2.48 -1.06 16.98
CA LYS B 188 -1.62 -0.09 17.65
C LYS B 188 -0.61 -0.68 18.57
N THR B 189 -0.89 -1.85 19.12
CA THR B 189 0.03 -2.43 20.13
C THR B 189 0.59 -3.77 19.78
N ALA B 190 -0.26 -4.70 19.36
CA ALA B 190 0.15 -6.11 19.40
C ALA B 190 1.24 -6.36 18.37
N TYR B 191 1.15 -5.73 17.20
CA TYR B 191 2.19 -5.92 16.17
C TYR B 191 3.56 -5.47 16.60
N TYR B 192 3.77 -4.20 17.01
CA TYR B 192 5.12 -3.77 17.31
C TYR B 192 5.64 -4.29 18.69
N THR B 193 4.75 -4.60 19.62
CA THR B 193 5.19 -4.98 20.95
C THR B 193 5.56 -6.50 21.00
N TYR B 194 4.82 -7.33 20.26
CA TYR B 194 5.12 -8.78 20.25
C TYR B 194 5.39 -9.38 18.89
N GLN B 195 4.57 -9.13 17.85
CA GLN B 195 4.81 -9.79 16.60
C GLN B 195 6.20 -9.44 16.04
N LEU B 196 6.55 -8.15 16.08
CA LEU B 196 7.82 -7.67 15.57
C LEU B 196 9.02 -8.30 16.24
N PRO B 197 9.16 -8.16 17.54
CA PRO B 197 10.32 -8.77 18.17
C PRO B 197 10.39 -10.27 18.00
N VAL B 198 9.25 -10.96 18.07
CA VAL B 198 9.24 -12.43 17.85
C VAL B 198 9.61 -12.82 16.43
N CYS B 199 9.08 -12.11 15.43
CA CYS B 199 9.43 -12.31 14.06
CA CYS B 199 9.43 -12.34 14.05
C CYS B 199 10.91 -12.05 13.80
N LEU B 200 11.47 -11.02 14.46
CA LEU B 200 12.89 -10.73 14.29
C LEU B 200 13.73 -11.91 14.86
N GLY B 201 13.32 -12.44 16.02
CA GLY B 201 14.04 -13.61 16.58
C GLY B 201 13.95 -14.82 15.64
N MET B 202 12.77 -15.06 15.07
CA MET B 202 12.52 -16.15 14.15
C MET B 202 13.42 -16.02 12.92
N LEU B 203 13.52 -14.82 12.35
CA LEU B 203 14.36 -14.56 11.21
C LEU B 203 15.83 -14.73 11.51
N LEU B 204 16.30 -14.24 12.64
CA LEU B 204 17.69 -14.44 12.98
C LEU B 204 18.07 -15.93 13.19
N ALA B 205 17.12 -16.72 13.73
CA ALA B 205 17.22 -18.17 13.93
C ALA B 205 16.88 -19.01 12.68
N ASN B 206 16.78 -18.34 11.53
CA ASN B 206 16.50 -18.92 10.21
C ASN B 206 15.27 -19.72 10.16
N ILE B 207 14.21 -19.25 10.78
CA ILE B 207 12.94 -19.92 10.71
C ILE B 207 12.07 -19.19 9.70
N SER B 208 11.75 -19.84 8.60
CA SER B 208 10.97 -19.20 7.53
C SER B 208 9.68 -19.87 7.19
N ASP B 209 9.40 -21.02 7.77
CA ASP B 209 8.21 -21.75 7.38
C ASP B 209 6.99 -20.90 7.63
N PRO B 210 6.10 -20.71 6.61
CA PRO B 210 5.04 -19.72 6.85
C PRO B 210 3.96 -20.20 7.79
N VAL B 211 3.77 -21.50 7.96
CA VAL B 211 2.79 -21.95 8.93
C VAL B 211 3.29 -21.58 10.39
N LEU B 212 4.57 -21.73 10.61
CA LEU B 212 5.08 -21.36 11.93
C LEU B 212 4.97 -19.82 12.12
N HIS B 213 5.18 -19.01 11.06
CA HIS B 213 5.07 -17.52 11.18
C HIS B 213 3.66 -17.16 11.49
N GLN B 214 2.72 -17.90 10.97
CA GLN B 214 1.32 -17.67 11.26
C GLN B 214 0.87 -18.02 12.69
N LYS B 215 1.21 -19.19 13.14
CA LYS B 215 0.97 -19.59 14.50
C LYS B 215 1.61 -18.61 15.51
N ALA B 216 2.82 -18.16 15.22
CA ALA B 216 3.55 -17.19 16.07
C ALA B 216 2.81 -15.87 16.11
N GLU B 217 2.37 -15.46 14.95
CA GLU B 217 1.64 -14.22 14.84
C GLU B 217 0.34 -14.31 15.59
N ASP B 218 -0.41 -15.38 15.48
CA ASP B 218 -1.63 -15.51 16.20
C ASP B 218 -1.46 -15.47 17.77
N MET B 219 -0.44 -16.14 18.26
CA MET B 219 -0.11 -16.10 19.65
C MET B 219 0.24 -14.62 20.07
N CYS B 220 1.12 -14.01 19.31
CA CYS B 220 1.57 -12.63 19.58
C CYS B 220 0.45 -11.68 19.59
N LEU B 221 -0.52 -11.83 18.71
CA LEU B 221 -1.62 -10.92 18.73
C LEU B 221 -2.49 -11.04 19.93
N GLU B 222 -2.66 -12.26 20.44
CA GLU B 222 -3.46 -12.46 21.63
C GLU B 222 -2.68 -11.85 22.86
N ILE B 223 -1.39 -12.12 22.95
CA ILE B 223 -0.59 -11.51 24.05
C ILE B 223 -0.65 -9.97 24.03
N GLY B 224 -0.57 -9.39 22.82
CA GLY B 224 -0.58 -7.92 22.64
C GLY B 224 -1.89 -7.32 23.09
N LYS B 225 -3.03 -7.96 22.80
CA LYS B 225 -4.32 -7.44 23.29
C LYS B 225 -4.31 -7.41 24.81
N PHE B 226 -3.89 -8.54 25.40
CA PHE B 226 -3.74 -8.65 26.85
C PHE B 226 -2.86 -7.52 27.47
N PHE B 227 -1.76 -7.27 26.84
CA PHE B 227 -0.83 -6.27 27.27
C PHE B 227 -1.46 -4.89 27.24
N GLN B 228 -2.23 -4.61 26.20
CA GLN B 228 -2.88 -3.33 26.11
C GLN B 228 -4.05 -3.19 27.12
N ILE B 229 -4.75 -4.25 27.47
CA ILE B 229 -5.77 -4.13 28.47
C ILE B 229 -5.04 -3.73 29.77
N GLN B 230 -3.91 -4.37 30.08
CA GLN B 230 -3.18 -4.03 31.32
C GLN B 230 -2.78 -2.53 31.25
N ASP B 231 -2.29 -2.09 30.08
CA ASP B 231 -1.90 -0.68 29.90
C ASP B 231 -3.07 0.24 30.24
N ASP B 232 -4.24 -0.08 29.71
CA ASP B 232 -5.42 0.72 29.98
C ASP B 232 -5.74 0.78 31.47
N TYR B 233 -5.70 -0.36 32.11
CA TYR B 233 -5.94 -0.39 33.56
C TYR B 233 -4.96 0.48 34.34
N ILE B 234 -3.69 0.37 34.01
CA ILE B 234 -2.63 1.15 34.63
C ILE B 234 -2.85 2.66 34.40
N ASP B 235 -3.39 3.09 33.24
CA ASP B 235 -3.62 4.50 33.00
C ASP B 235 -4.48 5.09 34.14
N CYS B 236 -5.47 4.33 34.53
CA CYS B 236 -6.44 4.80 35.54
C CYS B 236 -5.94 4.55 36.96
N TYR B 237 -5.44 3.36 37.25
CA TYR B 237 -5.17 2.86 38.57
C TYR B 237 -3.69 2.80 38.92
N GLY B 238 -2.78 3.02 37.98
CA GLY B 238 -1.39 2.84 38.31
C GLY B 238 -0.83 4.02 39.14
N ASP B 239 0.23 3.73 39.85
CA ASP B 239 0.93 4.75 40.68
C ASP B 239 1.96 5.44 39.81
N GLU B 240 1.77 6.72 39.60
CA GLU B 240 2.67 7.50 38.76
C GLU B 240 4.16 7.41 39.09
N SER B 241 4.47 7.14 40.35
CA SER B 241 5.89 7.06 40.73
C SER B 241 6.50 5.76 40.29
N LEU B 242 5.67 4.77 39.95
CA LEU B 242 6.12 3.53 39.32
C LEU B 242 5.95 3.50 37.83
N THR B 243 4.81 3.98 37.33
CA THR B 243 4.67 3.98 35.91
C THR B 243 5.51 5.00 35.19
N GLY B 244 5.83 6.12 35.84
CA GLY B 244 6.54 7.19 35.17
C GLY B 244 5.68 8.15 34.36
N LYS B 245 4.33 7.97 34.34
CA LYS B 245 3.52 8.70 33.38
C LYS B 245 2.18 9.10 34.01
N MET B 246 1.73 10.30 33.74
CA MET B 246 0.39 10.72 34.17
C MET B 246 -0.64 10.20 33.12
N GLY B 247 -1.66 9.52 33.61
CA GLY B 247 -2.69 8.96 32.72
C GLY B 247 -3.59 10.01 32.10
N THR B 248 -4.06 9.81 30.88
CA THR B 248 -4.89 10.78 30.17
C THR B 248 -6.09 10.13 29.52
N ASP B 249 -6.33 8.80 29.70
CA ASP B 249 -7.33 8.20 28.89
C ASP B 249 -8.71 8.79 29.10
N ILE B 250 -9.04 9.07 30.35
CA ILE B 250 -10.38 9.61 30.67
C ILE B 250 -10.58 10.99 30.07
N GLN B 251 -9.59 11.85 30.30
CA GLN B 251 -9.77 13.23 29.81
C GLN B 251 -9.68 13.29 28.30
N GLU B 252 -8.98 12.31 27.70
CA GLU B 252 -8.95 12.23 26.24
C GLU B 252 -10.06 11.45 25.59
N ALA B 253 -11.03 11.01 26.37
CA ALA B 253 -12.19 10.26 25.88
C ALA B 253 -11.73 9.03 25.10
N LYS B 254 -10.76 8.30 25.62
CA LYS B 254 -10.26 7.12 24.86
C LYS B 254 -11.21 5.95 24.89
N CYS B 255 -11.23 5.14 23.83
CA CYS B 255 -11.93 3.87 23.85
C CYS B 255 -11.06 2.81 24.56
N SER B 256 -10.80 3.06 25.84
CA SER B 256 -10.04 2.13 26.72
C SER B 256 -10.86 0.92 27.07
N TRP B 257 -10.17 -0.14 27.51
CA TRP B 257 -10.88 -1.25 28.09
C TRP B 257 -11.83 -0.89 29.19
N LEU B 258 -11.41 0.02 30.07
CA LEU B 258 -12.27 0.43 31.15
C LEU B 258 -13.58 1.11 30.70
N ALA B 259 -13.48 1.98 29.71
CA ALA B 259 -14.64 2.63 29.18
C ALA B 259 -15.62 1.67 28.55
N VAL B 260 -15.10 0.72 27.76
CA VAL B 260 -15.94 -0.26 27.09
C VAL B 260 -16.65 -1.09 28.19
N MET B 261 -15.90 -1.53 29.20
CA MET B 261 -16.52 -2.29 30.27
C MET B 261 -17.52 -1.47 31.09
N ALA B 262 -17.23 -0.18 31.33
CA ALA B 262 -18.17 0.68 32.02
C ALA B 262 -19.53 0.76 31.29
N LEU B 263 -19.47 0.87 29.98
CA LEU B 263 -20.69 0.90 29.17
C LEU B 263 -21.47 -0.37 29.23
N GLN B 264 -20.79 -1.49 29.43
CA GLN B 264 -21.44 -2.77 29.46
C GLN B 264 -22.33 -2.80 30.74
N ARG B 265 -21.92 -2.06 31.76
CA ARG B 265 -22.49 -2.18 33.12
C ARG B 265 -23.41 -1.06 33.56
N CYS B 266 -23.33 0.07 32.85
CA CYS B 266 -23.98 1.28 33.32
C CYS B 266 -25.50 1.08 33.34
N SER B 267 -26.10 1.49 34.44
CA SER B 267 -27.60 1.72 34.43
C SER B 267 -27.90 2.89 33.48
N ALA B 268 -29.20 3.11 33.17
CA ALA B 268 -29.60 4.30 32.42
C ALA B 268 -29.06 5.59 32.97
N SER B 269 -29.12 5.77 34.28
CA SER B 269 -28.64 7.00 34.86
C SER B 269 -27.13 7.09 34.87
N GLN B 270 -26.49 5.95 35.10
CA GLN B 270 -25.01 5.89 35.01
C GLN B 270 -24.47 6.24 33.67
N LYS B 271 -25.17 5.85 32.61
CA LYS B 271 -24.82 6.21 31.27
C LYS B 271 -24.78 7.71 31.03
N ILE B 272 -25.76 8.42 31.60
CA ILE B 272 -25.81 9.89 31.48
C ILE B 272 -24.66 10.55 32.29
N VAL B 273 -24.37 10.02 33.44
CA VAL B 273 -23.18 10.44 34.18
C VAL B 273 -21.90 10.23 33.33
N PHE B 274 -21.80 9.05 32.74
CA PHE B 274 -20.67 8.76 31.90
C PHE B 274 -20.54 9.78 30.74
N THR B 275 -21.65 10.01 30.00
CA THR B 275 -21.56 10.84 28.83
C THR B 275 -21.36 12.33 29.28
N THR B 276 -21.83 12.72 30.45
CA THR B 276 -21.60 14.09 30.96
C THR B 276 -20.16 14.33 31.33
N CYS B 277 -19.47 13.34 31.91
CA CYS B 277 -18.22 13.60 32.57
C CYS B 277 -16.98 13.07 31.81
N TYR B 278 -17.19 12.14 30.88
CA TYR B 278 -16.05 11.52 30.18
C TYR B 278 -15.52 12.53 29.20
N GLY B 279 -14.22 12.51 28.99
CA GLY B 279 -13.68 13.37 27.97
C GLY B 279 -13.54 14.83 28.35
N SER B 280 -13.45 15.05 29.62
CA SER B 280 -13.35 16.40 30.18
C SER B 280 -12.07 16.53 30.99
N LYS B 281 -11.37 17.66 30.80
CA LYS B 281 -10.18 17.95 31.61
C LYS B 281 -10.49 18.45 33.02
N GLU B 282 -11.77 18.67 33.35
CA GLU B 282 -12.13 19.17 34.70
C GLU B 282 -11.87 18.08 35.71
N PRO B 283 -11.13 18.37 36.79
CA PRO B 283 -10.84 17.35 37.79
C PRO B 283 -12.06 16.66 38.41
N ALA B 284 -13.10 17.42 38.71
CA ALA B 284 -14.26 16.80 39.32
C ALA B 284 -14.91 15.79 38.35
N HIS B 285 -14.98 16.12 37.06
CA HIS B 285 -15.51 15.23 36.07
C HIS B 285 -14.66 13.92 35.98
N ILE B 286 -13.34 14.04 36.03
CA ILE B 286 -12.43 12.89 35.99
C ILE B 286 -12.67 11.99 37.22
N GLU B 287 -12.75 12.62 38.40
CA GLU B 287 -12.95 11.89 39.60
C GLU B 287 -14.34 11.24 39.60
N ARG B 288 -15.34 11.88 39.01
CA ARG B 288 -16.67 11.29 38.93
C ARG B 288 -16.65 9.99 38.03
N ILE B 289 -15.87 10.00 36.97
CA ILE B 289 -15.71 8.77 36.12
C ILE B 289 -15.00 7.72 36.93
N LYS B 290 -13.94 8.06 37.66
CA LYS B 290 -13.29 7.08 38.51
C LYS B 290 -14.18 6.50 39.61
N GLU B 291 -15.05 7.34 40.16
CA GLU B 291 -15.98 6.89 41.17
C GLU B 291 -17.00 5.91 40.51
N LEU B 292 -17.41 6.17 39.27
CA LEU B 292 -18.31 5.27 38.52
C LEU B 292 -17.62 3.97 38.28
N TYR B 293 -16.36 4.01 37.89
CA TYR B 293 -15.63 2.77 37.66
C TYR B 293 -15.55 1.89 38.89
N LYS B 294 -15.34 2.52 40.02
CA LYS B 294 -15.39 1.81 41.26
C LYS B 294 -16.74 1.20 41.58
N GLN B 295 -17.76 1.99 41.40
CA GLN B 295 -19.11 1.52 41.75
C GLN B 295 -19.53 0.35 40.85
N LEU B 296 -19.05 0.35 39.58
CA LEU B 296 -19.36 -0.75 38.64
C LEU B 296 -18.44 -1.93 38.83
N GLN B 297 -17.54 -1.87 39.81
CA GLN B 297 -16.66 -3.00 40.17
C GLN B 297 -15.68 -3.36 39.05
N LEU B 298 -15.25 -2.33 38.33
CA LEU B 298 -14.22 -2.58 37.27
C LEU B 298 -12.85 -3.06 37.78
N PRO B 299 -12.37 -2.59 38.96
CA PRO B 299 -11.16 -3.20 39.48
C PRO B 299 -11.29 -4.71 39.71
N GLU B 300 -12.40 -5.15 40.31
CA GLU B 300 -12.61 -6.58 40.50
C GLU B 300 -12.72 -7.36 39.16
N LEU B 301 -13.40 -6.75 38.20
CA LEU B 301 -13.51 -7.40 36.86
C LEU B 301 -12.12 -7.47 36.22
N TYR B 302 -11.27 -6.42 36.34
CA TYR B 302 -9.96 -6.50 35.72
C TYR B 302 -9.17 -7.65 36.33
N ALA B 303 -9.17 -7.72 37.65
CA ALA B 303 -8.43 -8.82 38.34
C ALA B 303 -8.81 -10.21 37.81
N GLN B 304 -10.09 -10.42 37.64
CA GLN B 304 -10.60 -11.66 37.13
C GLN B 304 -10.38 -11.92 35.66
N GLU B 305 -10.59 -10.89 34.85
CA GLU B 305 -10.27 -11.02 33.48
C GLU B 305 -8.79 -11.15 33.17
N GLU B 306 -7.93 -10.48 33.93
CA GLU B 306 -6.55 -10.68 33.72
C GLU B 306 -6.16 -12.13 33.89
N THR B 307 -6.68 -12.73 34.97
CA THR B 307 -6.48 -14.13 35.23
C THR B 307 -7.05 -15.10 34.19
N ARG B 308 -8.27 -14.84 33.76
CA ARG B 308 -8.85 -15.69 32.72
C ARG B 308 -8.04 -15.60 31.46
N MET B 309 -7.67 -14.38 31.05
CA MET B 309 -6.88 -14.22 29.82
C MET B 309 -5.51 -14.90 29.92
N TYR B 310 -4.87 -14.71 31.07
CA TYR B 310 -3.58 -15.40 31.35
C TYR B 310 -3.72 -16.88 31.16
N GLU B 311 -4.75 -17.45 31.72
CA GLU B 311 -4.96 -18.91 31.59
C GLU B 311 -5.19 -19.36 30.18
N SER B 312 -5.94 -18.54 29.44
CA SER B 312 -6.13 -18.79 28.05
C SER B 312 -4.83 -18.68 27.19
N LEU B 313 -4.01 -17.66 27.50
CA LEU B 313 -2.75 -17.45 26.85
C LEU B 313 -1.77 -18.64 27.06
N ILE B 314 -1.70 -19.08 28.33
CA ILE B 314 -0.84 -20.19 28.69
C ILE B 314 -1.32 -21.49 27.99
N LYS B 315 -2.63 -21.70 27.95
CA LYS B 315 -3.13 -22.88 27.26
C LYS B 315 -2.75 -22.84 25.77
N GLN B 316 -2.84 -21.66 25.16
CA GLN B 316 -2.38 -21.52 23.76
C GLN B 316 -0.91 -21.75 23.59
N ALA B 317 -0.07 -21.20 24.51
CA ALA B 317 1.35 -21.35 24.38
C ALA B 317 1.72 -22.81 24.49
N HIS B 318 1.10 -23.47 25.46
CA HIS B 318 1.44 -24.92 25.68
C HIS B 318 1.15 -25.75 24.42
N GLY B 319 0.15 -25.30 23.66
CA GLY B 319 -0.32 -25.96 22.44
C GLY B 319 0.50 -25.64 21.20
N LEU B 320 1.50 -24.77 21.29
CA LEU B 320 2.26 -24.44 20.09
C LEU B 320 3.14 -25.59 19.62
N PRO B 321 3.54 -25.55 18.36
CA PRO B 321 4.54 -26.49 17.94
C PRO B 321 5.80 -26.31 18.70
N SER B 322 6.50 -27.43 18.89
CA SER B 322 7.79 -27.43 19.57
C SER B 322 8.82 -26.52 18.98
N GLU B 323 8.79 -26.38 17.68
CA GLU B 323 9.75 -25.53 17.01
C GLU B 323 9.48 -24.05 17.27
N LEU B 324 8.27 -23.67 17.72
CA LEU B 324 8.02 -22.23 18.15
C LEU B 324 8.30 -21.95 19.63
N SER B 325 8.80 -22.96 20.35
CA SER B 325 9.11 -22.81 21.83
C SER B 325 7.95 -22.36 22.66
N PRO B 326 7.06 -23.28 23.01
CA PRO B 326 6.12 -23.01 24.08
C PRO B 326 6.72 -22.34 25.28
N ALA B 327 7.92 -22.76 25.70
CA ALA B 327 8.59 -22.08 26.78
C ALA B 327 8.84 -20.57 26.61
N LEU B 328 9.25 -20.17 25.43
CA LEU B 328 9.38 -18.74 25.16
C LEU B 328 8.11 -17.96 25.49
N PHE B 329 6.98 -18.44 24.97
CA PHE B 329 5.70 -17.82 25.24
C PHE B 329 5.21 -17.85 26.65
N VAL B 330 5.45 -18.98 27.36
CA VAL B 330 5.16 -19.08 28.75
C VAL B 330 5.97 -18.04 29.50
N ARG B 331 7.25 -17.95 29.13
CA ARG B 331 8.13 -17.00 29.74
C ARG B 331 7.67 -15.56 29.51
N LEU B 332 7.34 -15.23 28.26
CA LEU B 332 6.81 -13.89 27.99
C LEU B 332 5.55 -13.51 28.75
N ILE B 333 4.65 -14.45 28.84
CA ILE B 333 3.38 -14.22 29.55
C ILE B 333 3.66 -14.02 31.01
N HIS B 334 4.51 -14.89 31.59
CA HIS B 334 4.87 -14.68 33.00
C HIS B 334 5.57 -13.36 33.31
N MET B 335 6.30 -12.80 32.35
CA MET B 335 6.97 -11.55 32.56
C MET B 335 5.95 -10.38 32.70
N ILE B 336 4.73 -10.51 32.17
CA ILE B 336 3.78 -9.45 32.26
C ILE B 336 2.59 -9.68 33.10
N TYR B 337 2.18 -10.91 33.37
CA TYR B 337 1.04 -11.12 34.23
C TYR B 337 1.22 -10.48 35.60
N LYS B 338 0.19 -9.82 36.11
CA LYS B 338 0.19 -9.07 37.35
C LYS B 338 1.06 -7.85 37.39
N ARG B 339 1.62 -7.41 36.26
CA ARG B 339 2.39 -6.19 36.31
C ARG B 339 1.61 -4.96 36.76
N ASN B 340 2.34 -4.05 37.40
CA ASN B 340 1.72 -2.78 37.82
C ASN B 340 2.34 -1.54 37.19
N HIS B 341 3.19 -1.73 36.21
CA HIS B 341 3.70 -0.69 35.34
C HIS B 341 4.22 -1.31 34.10
N SER C 5 -9.18 -13.61 -40.90
CA SER C 5 -7.75 -14.05 -40.89
C SER C 5 -7.41 -14.63 -39.50
N PHE C 6 -8.27 -14.48 -38.50
CA PHE C 6 -8.18 -15.31 -37.26
C PHE C 6 -8.52 -16.75 -37.60
N GLU C 7 -9.66 -17.05 -38.24
CA GLU C 7 -10.01 -18.44 -38.65
C GLU C 7 -9.00 -19.10 -39.57
N ASP C 8 -8.38 -18.30 -40.40
CA ASP C 8 -7.40 -18.78 -41.36
C ASP C 8 -6.12 -19.32 -40.75
N VAL C 9 -5.85 -19.06 -39.49
CA VAL C 9 -4.65 -19.57 -38.79
C VAL C 9 -4.87 -20.99 -38.33
N LEU C 10 -6.11 -21.44 -38.19
CA LEU C 10 -6.38 -22.82 -37.64
C LEU C 10 -5.58 -23.94 -38.38
N PRO C 11 -5.49 -23.92 -39.71
CA PRO C 11 -4.66 -25.02 -40.35
C PRO C 11 -3.21 -25.04 -39.93
N SER C 12 -2.61 -23.85 -39.77
CA SER C 12 -1.29 -23.74 -39.22
C SER C 12 -1.15 -24.30 -37.81
N ILE C 13 -2.16 -24.04 -37.02
CA ILE C 13 -2.15 -24.54 -35.60
C ILE C 13 -2.15 -26.10 -35.62
N LEU C 14 -3.05 -26.65 -36.41
CA LEU C 14 -3.07 -28.12 -36.57
C LEU C 14 -1.77 -28.67 -37.07
N ASN C 15 -1.21 -28.05 -38.11
CA ASN C 15 0.08 -28.46 -38.61
C ASN C 15 1.17 -28.44 -37.58
N THR C 16 1.20 -27.42 -36.73
CA THR C 16 2.20 -27.37 -35.73
C THR C 16 2.08 -28.46 -34.70
N ILE C 17 0.83 -28.72 -34.29
CA ILE C 17 0.58 -29.77 -33.30
C ILE C 17 1.01 -31.14 -33.84
N THR C 18 0.67 -31.35 -35.10
CA THR C 18 0.99 -32.66 -35.77
C THR C 18 2.51 -32.82 -35.91
N THR C 19 3.16 -31.85 -36.54
CA THR C 19 4.55 -31.99 -36.90
C THR C 19 5.47 -31.96 -35.71
N ASN C 20 5.13 -31.29 -34.62
CA ASN C 20 6.01 -31.31 -33.46
C ASN C 20 5.80 -32.37 -32.38
N SER C 21 4.86 -33.26 -32.56
CA SER C 21 4.52 -34.24 -31.55
C SER C 21 4.62 -35.62 -32.24
N GLU C 22 4.32 -36.66 -31.48
CA GLU C 22 4.27 -38.02 -32.07
C GLU C 22 3.08 -38.25 -32.96
N LEU C 23 2.15 -37.27 -33.11
CA LEU C 23 1.14 -37.39 -34.11
C LEU C 23 1.71 -37.55 -35.55
N THR C 24 2.94 -37.16 -35.79
CA THR C 24 3.54 -37.44 -37.11
C THR C 24 3.73 -38.92 -37.34
N GLU C 25 3.89 -39.70 -36.28
CA GLU C 25 4.04 -41.16 -36.41
C GLU C 25 2.72 -41.88 -36.53
N VAL C 26 1.59 -41.22 -36.22
CA VAL C 26 0.34 -41.90 -36.11
C VAL C 26 -0.74 -41.14 -36.83
N PRO C 27 -0.77 -41.25 -38.15
CA PRO C 27 -1.75 -40.45 -38.87
C PRO C 27 -3.21 -40.76 -38.55
N GLU C 28 -3.53 -41.98 -38.10
CA GLU C 28 -4.90 -42.23 -37.75
C GLU C 28 -5.36 -41.20 -36.64
N VAL C 29 -4.50 -40.98 -35.68
CA VAL C 29 -4.81 -40.02 -34.61
C VAL C 29 -4.68 -38.56 -35.06
N ALA C 30 -3.69 -38.27 -35.87
CA ALA C 30 -3.57 -36.95 -36.44
C ALA C 30 -4.79 -36.56 -37.21
N ASN C 31 -5.33 -37.48 -37.99
CA ASN C 31 -6.52 -37.21 -38.77
C ASN C 31 -7.73 -37.06 -37.88
N TRP C 32 -7.76 -37.82 -36.82
CA TRP C 32 -8.90 -37.73 -35.92
C TRP C 32 -8.91 -36.37 -35.19
N LEU C 33 -7.76 -35.94 -34.75
CA LEU C 33 -7.64 -34.64 -34.04
C LEU C 33 -8.04 -33.52 -34.95
N LYS C 34 -7.72 -33.62 -36.23
CA LYS C 34 -8.29 -32.71 -37.19
C LYS C 34 -9.82 -32.65 -37.22
N LYS C 35 -10.51 -33.77 -37.19
CA LYS C 35 -11.92 -33.73 -37.10
C LYS C 35 -12.43 -33.22 -35.74
N VAL C 36 -11.76 -33.58 -34.64
CA VAL C 36 -12.15 -33.06 -33.31
C VAL C 36 -12.11 -31.53 -33.30
N LEU C 37 -11.02 -30.98 -33.85
CA LEU C 37 -10.85 -29.55 -33.80
C LEU C 37 -11.81 -28.83 -34.72
N GLU C 38 -11.95 -29.34 -35.93
CA GLU C 38 -12.96 -28.79 -36.85
C GLU C 38 -14.38 -28.80 -36.31
N TYR C 39 -14.87 -29.89 -35.75
CA TYR C 39 -16.19 -29.96 -35.24
C TYR C 39 -16.36 -29.03 -34.01
N ASN C 40 -15.40 -29.05 -33.12
CA ASN C 40 -15.54 -28.37 -31.85
C ASN C 40 -15.12 -26.89 -31.93
N LEU C 41 -14.23 -26.50 -32.87
CA LEU C 41 -13.76 -25.12 -32.89
C LEU C 41 -14.08 -24.33 -34.16
N ALA C 42 -13.98 -24.95 -35.37
CA ALA C 42 -13.90 -24.16 -36.63
C ALA C 42 -15.26 -23.46 -36.79
N GLY C 43 -15.25 -22.28 -37.43
CA GLY C 43 -16.48 -21.53 -37.74
C GLY C 43 -17.03 -20.78 -36.52
N GLY C 44 -17.92 -19.82 -36.72
CA GLY C 44 -18.58 -19.15 -35.55
C GLY C 44 -17.75 -18.00 -35.00
N LYS C 45 -18.25 -17.38 -33.96
CA LYS C 45 -17.51 -16.31 -33.35
C LYS C 45 -16.38 -16.95 -32.53
N LYS C 46 -15.30 -16.24 -32.50
CA LYS C 46 -14.03 -16.59 -31.80
C LYS C 46 -13.71 -15.50 -30.77
N ALA C 47 -14.65 -15.34 -29.87
CA ALA C 47 -14.57 -14.26 -28.89
C ALA C 47 -13.37 -14.35 -27.97
N ARG C 48 -13.13 -15.51 -27.36
CA ARG C 48 -11.98 -15.67 -26.50
C ARG C 48 -10.68 -15.45 -27.26
N GLY C 49 -10.53 -16.04 -28.46
CA GLY C 49 -9.31 -15.86 -29.22
C GLY C 49 -9.02 -14.45 -29.61
N LEU C 50 -10.06 -13.79 -30.12
CA LEU C 50 -9.95 -12.37 -30.53
C LEU C 50 -9.62 -11.45 -29.31
N THR C 51 -10.09 -11.82 -28.12
CA THR C 51 -9.72 -11.04 -26.89
C THR C 51 -8.24 -11.00 -26.75
N THR C 52 -7.52 -12.12 -27.04
CA THR C 52 -6.09 -12.14 -26.95
C THR C 52 -5.39 -11.24 -27.97
N LEU C 53 -5.89 -11.28 -29.19
CA LEU C 53 -5.36 -10.42 -30.23
C LEU C 53 -5.61 -8.94 -29.93
N PHE C 54 -6.82 -8.62 -29.49
CA PHE C 54 -7.18 -7.22 -29.25
C PHE C 54 -6.42 -6.67 -28.01
N ALA C 55 -6.30 -7.50 -26.97
CA ALA C 55 -5.44 -7.13 -25.84
C ALA C 55 -4.05 -6.85 -26.23
N TYR C 56 -3.39 -7.72 -26.96
CA TYR C 56 -2.13 -7.45 -27.48
C TYR C 56 -2.02 -6.11 -28.21
N GLU C 57 -2.90 -5.96 -29.20
CA GLU C 57 -2.78 -4.79 -30.07
C GLU C 57 -3.00 -3.50 -29.26
N MET C 58 -3.92 -3.49 -28.31
CA MET C 58 -4.24 -2.27 -27.58
C MET C 58 -3.19 -1.92 -26.51
N LEU C 59 -2.48 -2.91 -26.01
CA LEU C 59 -1.46 -2.73 -24.92
C LEU C 59 -0.06 -2.53 -25.40
N GLU C 60 0.21 -2.90 -26.64
CA GLU C 60 1.51 -2.83 -27.24
C GLU C 60 1.71 -1.38 -27.67
N LYS C 61 2.94 -0.93 -27.71
CA LYS C 61 3.29 0.35 -28.36
C LYS C 61 3.05 0.16 -29.84
N PRO C 62 2.42 1.11 -30.50
CA PRO C 62 2.10 0.87 -31.97
C PRO C 62 3.33 0.52 -32.82
N GLU C 63 4.49 1.09 -32.50
CA GLU C 63 5.69 0.87 -33.31
C GLU C 63 6.19 -0.55 -33.19
N ASN C 64 5.75 -1.30 -32.18
CA ASN C 64 6.13 -2.69 -32.09
C ASN C 64 5.13 -3.70 -32.66
N ILE C 65 3.99 -3.24 -33.17
CA ILE C 65 3.08 -4.11 -33.89
C ILE C 65 3.67 -4.49 -35.23
N THR C 66 3.80 -5.80 -35.50
CA THR C 66 4.36 -6.33 -36.69
C THR C 66 3.50 -7.50 -37.20
N GLU C 67 3.72 -7.94 -38.40
CA GLU C 67 3.07 -9.11 -38.97
C GLU C 67 3.36 -10.35 -38.08
N GLU C 68 4.62 -10.43 -37.65
CA GLU C 68 5.04 -11.56 -36.73
C GLU C 68 4.33 -11.50 -35.42
N THR C 69 4.22 -10.36 -34.76
CA THR C 69 3.51 -10.32 -33.48
C THR C 69 2.04 -10.52 -33.52
N ILE C 70 1.38 -9.95 -34.56
CA ILE C 70 -0.01 -10.25 -34.76
C ILE C 70 -0.22 -11.81 -34.92
N TYR C 71 0.62 -12.43 -35.68
CA TYR C 71 0.51 -13.91 -35.90
C TYR C 71 0.66 -14.67 -34.55
N LEU C 72 1.63 -14.24 -33.75
CA LEU C 72 1.85 -14.84 -32.40
C LEU C 72 0.67 -14.62 -31.55
N ALA C 73 0.07 -13.41 -31.61
CA ALA C 73 -1.10 -13.13 -30.83
C ALA C 73 -2.33 -14.02 -31.22
N LYS C 74 -2.54 -14.20 -32.55
CA LYS C 74 -3.60 -15.07 -33.01
C LYS C 74 -3.29 -16.55 -32.58
N THR C 75 -2.04 -16.92 -32.63
CA THR C 75 -1.63 -18.27 -32.17
C THR C 75 -1.96 -18.52 -30.70
N LEU C 76 -1.68 -17.55 -29.82
CA LEU C 76 -2.07 -17.65 -28.41
C LEU C 76 -3.55 -17.62 -28.22
N GLY C 77 -4.23 -16.85 -29.06
CA GLY C 77 -5.67 -16.86 -29.00
C GLY C 77 -6.31 -18.17 -29.40
N TRP C 78 -5.69 -18.82 -30.35
CA TRP C 78 -6.15 -20.20 -30.70
C TRP C 78 -5.93 -21.17 -29.56
N CYS C 79 -4.85 -20.94 -28.81
CA CYS C 79 -4.63 -21.78 -27.62
C CYS C 79 -5.75 -21.60 -26.65
N VAL C 80 -6.24 -20.36 -26.42
CA VAL C 80 -7.35 -20.15 -25.56
C VAL C 80 -8.64 -20.85 -26.06
N GLU C 81 -8.90 -20.76 -27.38
CA GLU C 81 -10.01 -21.44 -28.01
C GLU C 81 -9.92 -22.95 -27.82
N ILE C 82 -8.71 -23.50 -27.92
CA ILE C 82 -8.54 -24.96 -27.68
C ILE C 82 -8.89 -25.28 -26.23
N LEU C 83 -8.40 -24.48 -25.28
CA LEU C 83 -8.76 -24.74 -23.89
C LEU C 83 -10.25 -24.62 -23.66
N GLN C 84 -10.90 -23.60 -24.26
CA GLN C 84 -12.35 -23.48 -24.14
C GLN C 84 -13.07 -24.73 -24.70
N GLY C 85 -12.61 -25.16 -25.87
CA GLY C 85 -13.11 -26.41 -26.50
C GLY C 85 -13.06 -27.62 -25.59
N PHE C 86 -11.89 -27.81 -24.98
CA PHE C 86 -11.70 -28.82 -23.98
C PHE C 86 -12.70 -28.75 -22.84
N LEU C 87 -12.79 -27.56 -22.21
CA LEU C 87 -13.61 -27.36 -21.06
C LEU C 87 -15.08 -27.62 -21.35
N VAL C 88 -15.56 -27.13 -22.48
CA VAL C 88 -16.98 -27.29 -22.75
C VAL C 88 -17.32 -28.71 -23.21
N MET C 89 -16.32 -29.39 -23.77
CA MET C 89 -16.55 -30.82 -24.17
C MET C 89 -16.84 -31.64 -22.93
N LEU C 90 -16.05 -31.45 -21.87
CA LEU C 90 -16.31 -32.09 -20.63
C LEU C 90 -17.58 -31.58 -19.90
N ASP C 91 -17.75 -30.28 -19.96
CA ASP C 91 -18.91 -29.66 -19.32
C ASP C 91 -20.23 -30.28 -19.84
N ASP C 92 -20.29 -30.46 -21.14
CA ASP C 92 -21.53 -30.94 -21.80
C ASP C 92 -21.85 -32.35 -21.30
N ILE C 93 -20.83 -33.15 -21.05
CA ILE C 93 -20.99 -34.45 -20.46
C ILE C 93 -21.58 -34.32 -19.05
N MET C 94 -21.00 -33.43 -18.23
CA MET C 94 -21.40 -33.35 -16.82
C MET C 94 -22.75 -32.70 -16.67
N ASP C 95 -23.12 -31.86 -17.63
CA ASP C 95 -24.36 -31.09 -17.54
C ASP C 95 -25.52 -31.79 -18.33
N GLY C 96 -25.29 -32.95 -18.96
CA GLY C 96 -26.39 -33.69 -19.66
C GLY C 96 -26.84 -32.92 -20.86
N SER C 97 -25.97 -32.18 -21.50
CA SER C 97 -26.39 -31.32 -22.56
C SER C 97 -26.53 -32.10 -23.87
N THR C 98 -27.31 -31.54 -24.78
CA THR C 98 -27.63 -32.20 -26.05
C THR C 98 -27.02 -31.50 -27.21
N THR C 99 -27.14 -30.20 -27.24
CA THR C 99 -26.59 -29.43 -28.34
C THR C 99 -25.66 -28.30 -27.90
N ARG C 100 -24.78 -27.93 -28.82
CA ARG C 100 -23.98 -26.77 -28.72
C ARG C 100 -23.65 -26.30 -30.12
N ARG C 101 -23.62 -24.99 -30.33
CA ARG C 101 -23.37 -24.40 -31.64
C ARG C 101 -24.36 -24.92 -32.73
N GLY C 102 -25.55 -25.27 -32.29
CA GLY C 102 -26.67 -25.76 -33.10
C GLY C 102 -26.55 -27.15 -33.66
N VAL C 103 -25.62 -27.95 -33.17
CA VAL C 103 -25.41 -29.36 -33.61
C VAL C 103 -25.21 -30.20 -32.35
N PRO C 104 -25.25 -31.52 -32.47
CA PRO C 104 -25.12 -32.34 -31.28
C PRO C 104 -23.80 -32.02 -30.57
N CYS C 105 -23.82 -32.01 -29.22
CA CYS C 105 -22.53 -31.99 -28.43
C CYS C 105 -21.66 -33.16 -28.94
N TRP C 106 -20.33 -33.03 -28.83
CA TRP C 106 -19.37 -34.03 -29.30
C TRP C 106 -19.63 -35.34 -28.70
N TYR C 107 -19.88 -35.40 -27.42
CA TYR C 107 -20.08 -36.68 -26.79
C TYR C 107 -21.38 -37.42 -27.24
N GLN C 108 -22.32 -36.66 -27.75
CA GLN C 108 -23.62 -37.24 -28.20
C GLN C 108 -23.43 -38.00 -29.55
N LEU C 109 -22.37 -37.72 -30.33
CA LEU C 109 -22.19 -38.44 -31.61
C LEU C 109 -22.02 -39.94 -31.33
N PRO C 110 -22.77 -40.78 -32.08
CA PRO C 110 -22.63 -42.24 -31.82
C PRO C 110 -21.22 -42.84 -32.03
N GLU C 111 -20.46 -42.21 -32.90
CA GLU C 111 -19.07 -42.51 -33.24
C GLU C 111 -18.09 -42.04 -32.09
N VAL C 112 -18.60 -41.27 -31.11
CA VAL C 112 -17.75 -40.62 -30.08
C VAL C 112 -18.11 -41.11 -28.74
N GLY C 113 -19.32 -40.79 -28.23
CA GLY C 113 -19.70 -41.24 -26.95
C GLY C 113 -18.76 -40.73 -25.81
N LEU C 114 -18.69 -41.49 -24.73
CA LEU C 114 -17.82 -41.17 -23.64
C LEU C 114 -16.32 -41.22 -23.93
N ALA C 115 -15.89 -41.70 -25.10
CA ALA C 115 -14.49 -41.54 -25.50
C ALA C 115 -14.17 -40.04 -25.77
N ALA C 116 -15.20 -39.16 -25.82
CA ALA C 116 -14.97 -37.69 -25.80
C ALA C 116 -13.98 -37.32 -24.67
N VAL C 117 -13.97 -38.09 -23.59
CA VAL C 117 -13.05 -37.75 -22.48
C VAL C 117 -11.59 -37.80 -22.96
N ASN C 118 -11.29 -38.73 -23.85
CA ASN C 118 -9.94 -38.82 -24.38
C ASN C 118 -9.64 -37.77 -25.38
N ASP C 119 -10.65 -37.35 -26.15
CA ASP C 119 -10.52 -36.26 -27.04
C ASP C 119 -10.20 -34.94 -26.30
N SER C 120 -10.77 -34.78 -25.12
CA SER C 120 -10.43 -33.64 -24.29
C SER C 120 -8.96 -33.65 -23.96
N SER C 121 -8.44 -34.80 -23.57
CA SER C 121 -6.98 -34.85 -23.25
C SER C 121 -6.08 -34.51 -24.43
N LEU C 122 -6.46 -34.98 -25.62
CA LEU C 122 -5.73 -34.67 -26.83
C LEU C 122 -5.71 -33.14 -27.10
N MET C 123 -6.86 -32.52 -26.88
CA MET C 123 -6.96 -31.07 -27.03
C MET C 123 -6.10 -30.29 -26.03
N PHE C 124 -6.23 -30.60 -24.74
CA PHE C 124 -5.49 -29.85 -23.74
C PHE C 124 -3.98 -30.01 -24.01
N SER C 125 -3.54 -31.25 -24.26
CA SER C 125 -2.14 -31.47 -24.42
C SER C 125 -1.58 -30.82 -25.71
N SER C 126 -2.39 -30.66 -26.74
CA SER C 126 -2.03 -29.91 -27.96
C SER C 126 -1.48 -28.50 -27.75
N ILE C 127 -2.06 -27.81 -26.81
CA ILE C 127 -1.71 -26.45 -26.54
C ILE C 127 -0.24 -26.27 -26.30
N PHE C 128 0.37 -27.20 -25.59
CA PHE C 128 1.75 -27.03 -25.19
C PHE C 128 2.71 -27.26 -26.31
N TYR C 129 2.32 -28.04 -27.31
CA TYR C 129 3.09 -28.15 -28.51
C TYR C 129 3.11 -26.80 -29.31
N VAL C 130 2.02 -26.12 -29.30
CA VAL C 130 1.93 -24.80 -29.96
C VAL C 130 2.82 -23.82 -29.22
N LEU C 131 2.73 -23.80 -27.88
CA LEU C 131 3.50 -22.89 -27.07
C LEU C 131 4.98 -23.13 -27.27
N HIS C 132 5.38 -24.41 -27.25
CA HIS C 132 6.75 -24.75 -27.48
C HIS C 132 7.28 -24.32 -28.85
N ALA C 133 6.51 -24.62 -29.87
CA ALA C 133 6.93 -24.28 -31.19
C ALA C 133 7.17 -22.82 -31.38
N HIS C 134 6.36 -21.94 -30.78
CA HIS C 134 6.51 -20.49 -31.06
C HIS C 134 7.20 -19.75 -30.00
N PHE C 135 7.37 -20.32 -28.79
CA PHE C 135 7.93 -19.57 -27.71
C PHE C 135 9.06 -20.21 -26.89
N ALA C 136 9.46 -21.42 -27.20
CA ALA C 136 10.40 -22.12 -26.28
C ALA C 136 11.70 -21.34 -25.99
N ASP C 137 12.13 -20.53 -26.95
CA ASP C 137 13.38 -19.76 -26.73
C ASP C 137 13.21 -18.36 -26.29
N LYS C 138 12.00 -18.02 -25.90
CA LYS C 138 11.72 -16.69 -25.42
C LYS C 138 11.57 -16.60 -23.96
N LYS C 139 11.79 -15.37 -23.49
CA LYS C 139 11.76 -15.12 -22.08
C LYS C 139 10.36 -15.41 -21.49
N ILE C 140 9.26 -15.20 -22.23
CA ILE C 140 7.97 -15.45 -21.66
C ILE C 140 7.51 -16.93 -21.65
N TYR C 141 8.33 -17.83 -22.13
CA TYR C 141 7.90 -19.25 -22.31
C TYR C 141 7.30 -19.85 -21.04
N THR C 142 8.05 -19.82 -19.93
CA THR C 142 7.50 -20.44 -18.72
C THR C 142 6.27 -19.80 -18.23
N ASN C 143 6.20 -18.47 -18.28
CA ASN C 143 4.98 -17.78 -17.88
C ASN C 143 3.74 -18.31 -18.70
N LEU C 144 3.92 -18.50 -20.02
CA LEU C 144 2.80 -18.96 -20.90
C LEU C 144 2.35 -20.36 -20.48
N VAL C 145 3.31 -21.25 -20.32
CA VAL C 145 3.04 -22.66 -19.95
C VAL C 145 2.33 -22.72 -18.59
N GLU C 146 2.83 -21.99 -17.60
CA GLU C 146 2.24 -21.96 -16.31
C GLU C 146 0.80 -21.36 -16.34
N LEU C 147 0.59 -20.33 -17.12
CA LEU C 147 -0.74 -19.72 -17.23
C LEU C 147 -1.75 -20.73 -17.68
N PHE C 148 -1.39 -21.56 -18.64
CA PHE C 148 -2.35 -22.53 -19.13
C PHE C 148 -2.66 -23.64 -18.08
N ASN C 149 -1.63 -24.15 -17.42
CA ASN C 149 -1.79 -25.20 -16.42
CA ASN C 149 -1.91 -25.10 -16.34
C ASN C 149 -2.66 -24.50 -15.27
N GLU C 150 -2.34 -23.28 -14.85
CA GLU C 150 -3.13 -22.65 -13.80
C GLU C 150 -4.58 -22.48 -14.14
N SER C 151 -4.83 -22.13 -15.41
CA SER C 151 -6.21 -21.98 -15.90
C SER C 151 -7.00 -23.24 -15.81
N LEU C 152 -6.35 -24.41 -16.01
CA LEU C 152 -7.04 -25.64 -15.83
C LEU C 152 -7.37 -25.87 -14.35
N MET C 153 -6.44 -25.58 -13.46
CA MET C 153 -6.77 -25.77 -12.05
C MET C 153 -7.94 -24.80 -11.63
N HIS C 154 -7.83 -23.51 -12.00
CA HIS C 154 -8.87 -22.56 -11.62
C HIS C 154 -10.23 -22.98 -12.13
N THR C 155 -10.33 -23.35 -13.43
CA THR C 155 -11.57 -23.80 -13.96
C THR C 155 -12.13 -25.02 -13.32
N SER C 156 -11.29 -25.99 -13.01
CA SER C 156 -11.70 -27.22 -12.31
C SER C 156 -12.19 -26.95 -10.90
N ILE C 157 -11.55 -26.01 -10.21
CA ILE C 157 -12.08 -25.59 -8.87
C ILE C 157 -13.55 -25.09 -8.96
N GLY C 158 -13.77 -24.18 -9.92
CA GLY C 158 -15.07 -23.70 -10.14
C GLY C 158 -16.07 -24.73 -10.56
N GLN C 159 -15.63 -25.63 -11.45
CA GLN C 159 -16.48 -26.66 -11.94
C GLN C 159 -16.87 -27.60 -10.81
N HIS C 160 -15.95 -27.84 -9.87
CA HIS C 160 -16.31 -28.73 -8.78
C HIS C 160 -17.48 -28.07 -7.94
N LEU C 161 -17.29 -26.79 -7.66
CA LEU C 161 -18.36 -26.04 -6.88
C LEU C 161 -19.69 -26.11 -7.64
N ASP C 162 -19.64 -26.10 -8.97
CA ASP C 162 -20.82 -26.15 -9.84
C ASP C 162 -21.49 -27.49 -9.83
N VAL C 163 -20.73 -28.57 -9.91
CA VAL C 163 -21.34 -29.89 -10.19
C VAL C 163 -21.48 -30.72 -8.97
N THR C 164 -20.86 -30.34 -7.86
CA THR C 164 -20.76 -31.22 -6.72
C THR C 164 -22.15 -31.65 -6.25
N MET C 165 -22.29 -32.94 -5.97
CA MET C 165 -23.60 -33.49 -5.58
C MET C 165 -23.98 -33.11 -4.12
N GLU C 166 -23.00 -32.62 -3.35
CA GLU C 166 -23.23 -31.93 -2.08
C GLU C 166 -23.90 -30.53 -2.22
N ARG C 167 -24.79 -30.38 -3.24
CA ARG C 167 -25.95 -29.49 -3.09
C ARG C 167 -27.33 -30.26 -3.36
N LYS C 170 -29.86 -33.91 -2.25
CA LYS C 170 -30.82 -33.97 -1.12
C LYS C 170 -31.82 -32.82 -1.02
N SER C 171 -32.16 -32.18 -2.15
CA SER C 171 -33.03 -30.98 -2.18
C SER C 171 -32.88 -30.03 -0.96
N ASP C 172 -31.61 -29.78 -0.62
CA ASP C 172 -31.23 -28.91 0.48
C ASP C 172 -30.57 -27.73 -0.26
N TYR C 173 -31.20 -26.52 -0.27
CA TYR C 173 -30.65 -25.40 -1.08
C TYR C 173 -30.07 -24.28 -0.23
N SER C 174 -29.71 -24.62 1.00
CA SER C 174 -29.20 -23.63 1.90
C SER C 174 -27.85 -23.07 1.47
N LEU C 175 -27.10 -23.79 0.65
CA LEU C 175 -25.82 -23.32 0.20
C LEU C 175 -25.92 -22.43 -1.02
N PHE C 176 -27.10 -22.24 -1.62
CA PHE C 176 -27.24 -21.42 -2.81
C PHE C 176 -27.30 -19.92 -2.48
N THR C 177 -26.18 -19.36 -2.05
CA THR C 177 -26.01 -17.98 -1.67
C THR C 177 -25.25 -17.25 -2.73
N ILE C 178 -25.28 -15.94 -2.62
CA ILE C 178 -24.57 -15.10 -3.56
C ILE C 178 -23.07 -15.27 -3.27
N GLU C 179 -22.68 -15.61 -2.04
CA GLU C 179 -21.25 -15.89 -1.74
C GLU C 179 -20.75 -17.12 -2.51
N ARG C 180 -21.55 -18.16 -2.47
CA ARG C 180 -21.26 -19.41 -3.23
C ARG C 180 -21.18 -19.09 -4.72
N TYR C 181 -22.19 -18.39 -5.25
CA TYR C 181 -22.23 -17.98 -6.62
C TYR C 181 -21.01 -17.23 -7.05
N ASN C 182 -20.56 -16.26 -6.26
CA ASN C 182 -19.44 -15.50 -6.65
C ASN C 182 -18.18 -16.38 -6.82
N ALA C 183 -17.98 -17.31 -5.91
CA ALA C 183 -16.81 -18.22 -5.94
C ALA C 183 -16.96 -19.14 -7.20
N ILE C 184 -18.16 -19.63 -7.44
CA ILE C 184 -18.38 -20.52 -8.63
C ILE C 184 -17.88 -19.81 -9.84
N VAL C 185 -18.39 -18.62 -10.06
CA VAL C 185 -18.19 -18.00 -11.35
C VAL C 185 -16.86 -17.40 -11.54
N LYS C 186 -16.24 -16.97 -10.44
CA LYS C 186 -14.92 -16.48 -10.48
C LYS C 186 -14.04 -17.59 -11.08
N TYR C 187 -14.13 -18.78 -10.51
CA TYR C 187 -13.19 -19.91 -10.84
C TYR C 187 -13.63 -20.61 -12.11
N LYS C 188 -14.91 -20.86 -12.29
CA LYS C 188 -15.33 -21.65 -13.49
C LYS C 188 -15.31 -20.88 -14.80
N THR C 189 -15.46 -19.57 -14.77
CA THR C 189 -15.61 -18.78 -15.97
C THR C 189 -14.69 -17.72 -16.11
N ALA C 190 -14.54 -16.88 -15.06
CA ALA C 190 -13.82 -15.67 -15.27
C ALA C 190 -12.36 -15.76 -15.66
N TYR C 191 -11.64 -16.73 -15.11
CA TYR C 191 -10.25 -16.87 -15.48
C TYR C 191 -10.05 -17.24 -16.93
N TYR C 192 -10.71 -18.30 -17.42
CA TYR C 192 -10.44 -18.69 -18.79
C TYR C 192 -11.04 -17.76 -19.84
N THR C 193 -12.15 -17.13 -19.52
CA THR C 193 -12.82 -16.31 -20.51
C THR C 193 -12.20 -14.95 -20.67
N TYR C 194 -11.59 -14.40 -19.59
CA TYR C 194 -11.07 -13.04 -19.58
C TYR C 194 -9.63 -12.89 -19.05
N GLN C 195 -9.36 -13.40 -17.83
CA GLN C 195 -8.04 -13.17 -17.26
C GLN C 195 -6.99 -13.75 -18.15
N LEU C 196 -7.22 -15.00 -18.60
CA LEU C 196 -6.27 -15.68 -19.46
C LEU C 196 -5.92 -14.99 -20.75
N PRO C 197 -6.95 -14.72 -21.63
CA PRO C 197 -6.59 -14.12 -22.91
C PRO C 197 -5.95 -12.71 -22.74
N VAL C 198 -6.42 -11.95 -21.74
CA VAL C 198 -5.87 -10.61 -21.52
C VAL C 198 -4.45 -10.68 -20.99
N CYS C 199 -4.22 -11.60 -20.08
CA CYS C 199 -2.84 -11.79 -19.53
CA CYS C 199 -2.85 -11.72 -19.53
C CYS C 199 -1.88 -12.22 -20.60
N LEU C 200 -2.32 -13.14 -21.50
CA LEU C 200 -1.53 -13.47 -22.62
C LEU C 200 -1.16 -12.28 -23.50
N GLY C 201 -2.13 -11.43 -23.80
CA GLY C 201 -1.80 -10.27 -24.62
C GLY C 201 -0.81 -9.32 -23.89
N MET C 202 -1.02 -9.17 -22.62
CA MET C 202 -0.05 -8.38 -21.77
C MET C 202 1.34 -8.91 -21.88
N LEU C 203 1.48 -10.24 -21.68
CA LEU C 203 2.83 -10.84 -21.78
C LEU C 203 3.42 -10.61 -23.12
N LEU C 204 2.64 -10.82 -24.17
CA LEU C 204 3.14 -10.59 -25.50
C LEU C 204 3.49 -9.16 -25.79
N ALA C 205 2.79 -8.25 -25.18
CA ALA C 205 3.13 -6.84 -25.27
C ALA C 205 4.22 -6.37 -24.26
N ASN C 206 4.97 -7.29 -23.68
CA ASN C 206 6.13 -6.98 -22.86
C ASN C 206 5.72 -6.38 -21.58
N ILE C 207 4.57 -6.76 -21.05
CA ILE C 207 4.12 -6.32 -19.76
C ILE C 207 4.16 -7.54 -18.81
N SER C 208 5.09 -7.53 -17.88
CA SER C 208 5.17 -8.63 -16.89
C SER C 208 5.16 -8.18 -15.42
N ASP C 209 4.97 -6.89 -15.16
CA ASP C 209 4.94 -6.39 -13.81
C ASP C 209 3.80 -7.03 -13.07
N PRO C 210 4.05 -7.51 -11.85
CA PRO C 210 3.01 -8.21 -11.14
C PRO C 210 1.83 -7.37 -10.66
N VAL C 211 2.00 -6.10 -10.35
CA VAL C 211 0.92 -5.30 -9.93
C VAL C 211 0.01 -4.98 -11.16
N LEU C 212 0.61 -4.62 -12.27
CA LEU C 212 -0.21 -4.40 -13.51
C LEU C 212 -1.01 -5.69 -13.83
N HIS C 213 -0.38 -6.85 -13.68
CA HIS C 213 -1.09 -8.10 -13.91
C HIS C 213 -2.20 -8.27 -12.97
N GLN C 214 -2.00 -7.90 -11.72
CA GLN C 214 -3.06 -8.02 -10.73
C GLN C 214 -4.25 -7.07 -11.04
N LYS C 215 -3.96 -5.84 -11.45
CA LYS C 215 -5.05 -4.94 -11.72
C LYS C 215 -5.89 -5.46 -12.93
N ALA C 216 -5.20 -5.95 -13.92
CA ALA C 216 -5.87 -6.53 -15.16
C ALA C 216 -6.72 -7.69 -14.74
N GLU C 217 -6.14 -8.56 -13.94
CA GLU C 217 -6.89 -9.69 -13.38
C GLU C 217 -8.15 -9.34 -12.58
N ASP C 218 -8.05 -8.37 -11.69
CA ASP C 218 -9.20 -7.93 -10.94
C ASP C 218 -10.34 -7.43 -11.86
N MET C 219 -10.00 -6.62 -12.84
CA MET C 219 -10.97 -6.13 -13.83
C MET C 219 -11.58 -7.32 -14.62
N CYS C 220 -10.71 -8.22 -15.05
CA CYS C 220 -11.18 -9.44 -15.81
C CYS C 220 -12.08 -10.28 -15.00
N LEU C 221 -11.85 -10.42 -13.68
CA LEU C 221 -12.67 -11.31 -12.94
C LEU C 221 -14.09 -10.72 -12.74
N GLU C 222 -14.16 -9.39 -12.67
CA GLU C 222 -15.46 -8.75 -12.59
C GLU C 222 -16.23 -8.90 -13.94
N ILE C 223 -15.53 -8.72 -15.05
CA ILE C 223 -16.15 -8.89 -16.36
C ILE C 223 -16.68 -10.33 -16.48
N GLY C 224 -15.83 -11.30 -16.14
CA GLY C 224 -16.21 -12.69 -16.16
C GLY C 224 -17.43 -13.08 -15.33
N LYS C 225 -17.56 -12.51 -14.13
CA LYS C 225 -18.72 -12.68 -13.32
C LYS C 225 -20.00 -12.22 -14.07
N PHE C 226 -19.87 -11.05 -14.67
CA PHE C 226 -20.97 -10.43 -15.39
C PHE C 226 -21.35 -11.35 -16.55
N PHE C 227 -20.32 -11.76 -17.31
CA PHE C 227 -20.50 -12.67 -18.44
C PHE C 227 -21.32 -13.91 -18.04
N GLN C 228 -20.98 -14.53 -16.90
CA GLN C 228 -21.61 -15.74 -16.43
C GLN C 228 -23.04 -15.51 -15.97
N ILE C 229 -23.27 -14.38 -15.29
CA ILE C 229 -24.67 -14.00 -14.98
C ILE C 229 -25.55 -13.92 -16.27
N GLN C 230 -25.04 -13.33 -17.35
CA GLN C 230 -25.72 -13.30 -18.60
C GLN C 230 -25.95 -14.70 -19.09
N ASP C 231 -24.88 -15.52 -19.08
CA ASP C 231 -25.05 -16.92 -19.49
C ASP C 231 -26.18 -17.62 -18.79
N ASP C 232 -26.28 -17.45 -17.48
CA ASP C 232 -27.29 -18.06 -16.68
C ASP C 232 -28.68 -17.58 -17.04
N TYR C 233 -28.77 -16.27 -17.32
CA TYR C 233 -30.10 -15.68 -17.69
C TYR C 233 -30.49 -16.33 -19.02
N ILE C 234 -29.53 -16.39 -19.88
CA ILE C 234 -29.74 -16.97 -21.21
C ILE C 234 -30.13 -18.44 -21.18
N ASP C 235 -29.63 -19.23 -20.24
CA ASP C 235 -30.04 -20.64 -20.12
C ASP C 235 -31.54 -20.78 -19.97
N CYS C 236 -32.13 -19.92 -19.21
CA CYS C 236 -33.59 -19.99 -18.93
C CYS C 236 -34.37 -19.27 -20.03
N TYR C 237 -33.92 -18.09 -20.45
CA TYR C 237 -34.77 -17.21 -21.29
C TYR C 237 -34.35 -17.09 -22.73
N GLY C 238 -33.23 -17.72 -23.12
CA GLY C 238 -32.64 -17.44 -24.42
C GLY C 238 -33.37 -18.22 -25.51
N ASP C 239 -33.18 -17.84 -26.75
CA ASP C 239 -33.75 -18.61 -27.87
C ASP C 239 -32.70 -19.59 -28.42
N GLU C 240 -33.02 -20.89 -28.37
CA GLU C 240 -32.09 -21.94 -28.84
C GLU C 240 -31.64 -21.73 -30.29
N SER C 241 -32.44 -21.10 -31.16
CA SER C 241 -31.94 -20.87 -32.52
C SER C 241 -30.89 -19.78 -32.56
N LEU C 242 -30.86 -18.89 -31.57
CA LEU C 242 -29.75 -17.93 -31.41
C LEU C 242 -28.56 -18.42 -30.57
N THR C 243 -28.85 -19.15 -29.49
CA THR C 243 -27.79 -19.60 -28.57
C THR C 243 -27.10 -20.85 -29.03
N GLY C 244 -27.76 -21.68 -29.83
CA GLY C 244 -27.17 -22.93 -30.34
C GLY C 244 -27.18 -24.04 -29.33
N LYS C 245 -27.82 -23.84 -28.16
CA LYS C 245 -27.77 -24.82 -27.14
C LYS C 245 -29.04 -24.87 -26.33
N MET C 246 -29.40 -26.06 -25.88
CA MET C 246 -30.64 -26.21 -25.08
C MET C 246 -30.22 -26.13 -23.60
N GLY C 247 -30.88 -25.31 -22.83
CA GLY C 247 -30.43 -25.01 -21.47
C GLY C 247 -30.82 -26.15 -20.58
N THR C 248 -30.03 -26.38 -19.56
CA THR C 248 -30.32 -27.44 -18.61
C THR C 248 -30.20 -27.01 -17.14
N ASP C 249 -30.01 -25.74 -16.83
CA ASP C 249 -29.64 -25.43 -15.45
C ASP C 249 -30.72 -25.89 -14.43
N ILE C 250 -32.02 -25.75 -14.82
CA ILE C 250 -33.10 -26.07 -13.90
C ILE C 250 -33.14 -27.53 -13.59
N GLN C 251 -33.11 -28.33 -14.64
CA GLN C 251 -33.19 -29.73 -14.44
C GLN C 251 -31.95 -30.32 -13.81
N GLU C 252 -30.80 -29.65 -14.00
CA GLU C 252 -29.54 -30.06 -13.32
C GLU C 252 -29.29 -29.42 -11.94
N ALA C 253 -30.31 -28.73 -11.39
CA ALA C 253 -30.26 -28.21 -10.05
C ALA C 253 -29.04 -27.30 -9.84
N LYS C 254 -28.78 -26.44 -10.81
CA LYS C 254 -27.61 -25.60 -10.75
C LYS C 254 -27.80 -24.38 -9.85
N CYS C 255 -26.73 -24.03 -9.16
CA CYS C 255 -26.61 -22.72 -8.44
C CYS C 255 -26.38 -21.57 -9.40
N SER C 256 -27.37 -21.32 -10.26
CA SER C 256 -27.37 -20.30 -11.27
C SER C 256 -27.74 -18.96 -10.66
N TRP C 257 -27.43 -17.87 -11.34
CA TRP C 257 -27.81 -16.54 -10.84
C TRP C 257 -29.32 -16.42 -10.57
N LEU C 258 -30.11 -16.98 -11.46
CA LEU C 258 -31.55 -17.01 -11.31
C LEU C 258 -31.91 -17.79 -10.09
N ALA C 259 -31.34 -18.96 -9.86
CA ALA C 259 -31.67 -19.68 -8.64
C ALA C 259 -31.29 -18.95 -7.35
N VAL C 260 -30.14 -18.29 -7.38
CA VAL C 260 -29.66 -17.53 -6.17
C VAL C 260 -30.61 -16.33 -5.93
N MET C 261 -30.93 -15.58 -6.97
CA MET C 261 -31.80 -14.41 -6.85
C MET C 261 -33.21 -14.87 -6.42
N ALA C 262 -33.67 -15.97 -6.95
CA ALA C 262 -34.98 -16.48 -6.53
C ALA C 262 -34.98 -16.79 -5.08
N LEU C 263 -33.99 -17.56 -4.62
CA LEU C 263 -34.00 -17.96 -3.23
C LEU C 263 -33.84 -16.73 -2.25
N GLN C 264 -33.19 -15.64 -2.67
CA GLN C 264 -33.12 -14.43 -1.87
C GLN C 264 -34.55 -13.78 -1.69
N ARG C 265 -35.39 -13.89 -2.72
CA ARG C 265 -36.70 -13.21 -2.86
C ARG C 265 -37.86 -14.13 -2.46
N CYS C 266 -37.64 -15.43 -2.32
CA CYS C 266 -38.76 -16.38 -2.03
C CYS C 266 -39.41 -16.17 -0.64
N SER C 267 -40.74 -16.25 -0.59
CA SER C 267 -41.44 -16.56 0.67
C SER C 267 -41.22 -17.97 1.10
N ALA C 268 -41.72 -18.29 2.31
CA ALA C 268 -41.67 -19.65 2.82
C ALA C 268 -42.43 -20.60 1.93
N SER C 269 -43.58 -20.17 1.40
CA SER C 269 -44.35 -21.05 0.50
C SER C 269 -43.63 -21.22 -0.89
N GLN C 270 -43.05 -20.15 -1.38
CA GLN C 270 -42.37 -20.24 -2.69
C GLN C 270 -41.10 -21.13 -2.64
N LYS C 271 -40.41 -21.05 -1.53
CA LYS C 271 -39.29 -21.95 -1.23
C LYS C 271 -39.69 -23.40 -1.27
N ILE C 272 -40.87 -23.76 -0.76
CA ILE C 272 -41.27 -25.21 -0.83
C ILE C 272 -41.56 -25.63 -2.28
N VAL C 273 -42.16 -24.74 -3.07
CA VAL C 273 -42.36 -24.93 -4.51
C VAL C 273 -40.96 -25.13 -5.18
N PHE C 274 -40.02 -24.23 -4.90
CA PHE C 274 -38.65 -24.37 -5.53
C PHE C 274 -38.07 -25.71 -5.15
N THR C 275 -38.11 -26.05 -3.85
CA THR C 275 -37.61 -27.35 -3.36
C THR C 275 -38.20 -28.54 -4.00
N THR C 276 -39.51 -28.52 -4.16
CA THR C 276 -40.26 -29.60 -4.84
C THR C 276 -40.00 -29.72 -6.33
N CYS C 277 -39.84 -28.60 -7.03
CA CYS C 277 -39.80 -28.64 -8.45
C CYS C 277 -38.34 -28.55 -9.10
N TYR C 278 -37.36 -28.06 -8.34
CA TYR C 278 -36.05 -27.74 -8.94
C TYR C 278 -35.36 -29.08 -9.15
N GLY C 279 -34.49 -29.15 -10.16
CA GLY C 279 -33.63 -30.36 -10.24
C GLY C 279 -34.33 -31.58 -10.82
N SER C 280 -35.35 -31.35 -11.63
CA SER C 280 -36.12 -32.49 -12.18
C SER C 280 -36.31 -32.33 -13.68
N LYS C 281 -36.25 -33.45 -14.41
CA LYS C 281 -36.54 -33.43 -15.84
C LYS C 281 -38.04 -33.37 -16.20
N GLU C 282 -38.94 -33.48 -15.23
CA GLU C 282 -40.40 -33.50 -15.58
C GLU C 282 -40.74 -32.13 -16.11
N PRO C 283 -41.25 -32.03 -17.35
CA PRO C 283 -41.60 -30.69 -17.89
C PRO C 283 -42.48 -29.75 -17.00
N ALA C 284 -43.43 -30.29 -16.22
CA ALA C 284 -44.34 -29.46 -15.42
C ALA C 284 -43.57 -28.90 -14.20
N HIS C 285 -42.60 -29.68 -13.70
CA HIS C 285 -41.64 -29.15 -12.69
C HIS C 285 -40.78 -28.00 -13.21
N ILE C 286 -40.24 -28.18 -14.40
CA ILE C 286 -39.46 -27.15 -15.03
C ILE C 286 -40.34 -25.91 -15.19
N GLU C 287 -41.55 -26.12 -15.73
CA GLU C 287 -42.45 -25.03 -16.03
C GLU C 287 -42.84 -24.29 -14.75
N ARG C 288 -43.04 -25.02 -13.65
CA ARG C 288 -43.37 -24.39 -12.35
C ARG C 288 -42.24 -23.50 -11.88
N ILE C 289 -40.99 -23.95 -12.07
CA ILE C 289 -39.88 -23.10 -11.68
C ILE C 289 -39.86 -21.87 -12.54
N LYS C 290 -40.11 -21.99 -13.86
CA LYS C 290 -40.10 -20.80 -14.66
C LYS C 290 -41.27 -19.82 -14.29
N GLU C 291 -42.36 -20.41 -13.87
CA GLU C 291 -43.50 -19.59 -13.40
C GLU C 291 -43.10 -18.83 -12.14
N LEU C 292 -42.44 -19.52 -11.22
CA LEU C 292 -41.89 -18.85 -10.01
C LEU C 292 -40.90 -17.73 -10.33
N TYR C 293 -40.02 -17.94 -11.30
CA TYR C 293 -39.09 -16.88 -11.70
C TYR C 293 -39.82 -15.60 -12.23
N LYS C 294 -40.86 -15.85 -13.00
CA LYS C 294 -41.70 -14.78 -13.57
C LYS C 294 -42.42 -13.99 -12.47
N GLN C 295 -43.04 -14.74 -11.54
CA GLN C 295 -43.67 -14.20 -10.33
C GLN C 295 -42.74 -13.35 -9.46
N LEU C 296 -41.47 -13.77 -9.29
CA LEU C 296 -40.48 -13.02 -8.57
C LEU C 296 -39.88 -11.90 -9.36
N GLN C 297 -40.32 -11.67 -10.59
CA GLN C 297 -39.84 -10.57 -11.34
C GLN C 297 -38.34 -10.62 -11.67
N LEU C 298 -37.84 -11.82 -11.94
CA LEU C 298 -36.41 -11.97 -12.25
C LEU C 298 -36.00 -11.35 -13.57
N PRO C 299 -36.84 -11.44 -14.60
CA PRO C 299 -36.50 -10.71 -15.82
C PRO C 299 -36.24 -9.23 -15.62
N GLU C 300 -37.12 -8.63 -14.82
CA GLU C 300 -37.03 -7.23 -14.51
C GLU C 300 -35.78 -6.94 -13.68
N LEU C 301 -35.57 -7.79 -12.66
CA LEU C 301 -34.38 -7.70 -11.84
C LEU C 301 -33.12 -7.79 -12.71
N TYR C 302 -33.10 -8.73 -13.68
CA TYR C 302 -31.88 -8.93 -14.51
C TYR C 302 -31.54 -7.70 -15.31
N ALA C 303 -32.58 -7.10 -15.90
CA ALA C 303 -32.41 -5.86 -16.70
C ALA C 303 -31.85 -4.74 -15.87
N GLN C 304 -32.25 -4.67 -14.61
CA GLN C 304 -31.74 -3.61 -13.74
C GLN C 304 -30.29 -3.92 -13.35
N GLU C 305 -30.06 -5.13 -12.85
CA GLU C 305 -28.74 -5.59 -12.41
C GLU C 305 -27.71 -5.62 -13.50
N GLU C 306 -28.10 -6.03 -14.68
CA GLU C 306 -27.15 -6.01 -15.81
C GLU C 306 -26.65 -4.59 -16.02
N THR C 307 -27.60 -3.64 -15.92
CA THR C 307 -27.25 -2.27 -16.20
C THR C 307 -26.42 -1.72 -15.08
N ARG C 308 -26.78 -2.03 -13.84
CA ARG C 308 -25.99 -1.61 -12.72
C ARG C 308 -24.57 -2.16 -12.74
N MET C 309 -24.44 -3.43 -13.15
CA MET C 309 -23.11 -4.02 -13.23
C MET C 309 -22.34 -3.40 -14.37
N TYR C 310 -23.01 -3.18 -15.51
CA TYR C 310 -22.39 -2.53 -16.65
C TYR C 310 -21.76 -1.22 -16.18
N GLU C 311 -22.52 -0.45 -15.37
CA GLU C 311 -22.02 0.88 -14.94
C GLU C 311 -20.79 0.80 -14.08
N SER C 312 -20.89 -0.08 -13.10
CA SER C 312 -19.74 -0.36 -12.23
C SER C 312 -18.50 -0.77 -13.03
N LEU C 313 -18.70 -1.65 -14.03
CA LEU C 313 -17.58 -2.18 -14.77
C LEU C 313 -16.87 -1.10 -15.56
N ILE C 314 -17.65 -0.24 -16.21
CA ILE C 314 -17.10 0.91 -16.96
C ILE C 314 -16.32 1.83 -16.03
N LYS C 315 -16.92 2.10 -14.91
CA LYS C 315 -16.20 2.92 -13.90
C LYS C 315 -14.91 2.31 -13.41
N GLN C 316 -14.91 0.98 -13.17
CA GLN C 316 -13.69 0.29 -12.79
C GLN C 316 -12.66 0.41 -13.89
N ALA C 317 -13.11 0.31 -15.13
CA ALA C 317 -12.21 0.36 -16.25
C ALA C 317 -11.53 1.70 -16.36
N HIS C 318 -12.28 2.73 -16.12
CA HIS C 318 -11.77 4.12 -16.22
C HIS C 318 -10.79 4.47 -15.09
N GLY C 319 -10.80 3.75 -14.00
CA GLY C 319 -9.68 3.86 -13.02
C GLY C 319 -8.37 3.25 -13.36
N LEU C 320 -8.31 2.40 -14.40
CA LEU C 320 -7.05 1.82 -14.76
C LEU C 320 -6.15 2.89 -15.30
N PRO C 321 -4.83 2.70 -15.13
CA PRO C 321 -3.92 3.56 -15.77
C PRO C 321 -3.91 3.33 -17.27
N SER C 322 -3.47 4.36 -18.00
CA SER C 322 -3.47 4.29 -19.47
C SER C 322 -2.55 3.16 -20.04
N GLU C 323 -1.53 2.75 -19.28
CA GLU C 323 -0.69 1.62 -19.63
C GLU C 323 -1.41 0.28 -19.69
N LEU C 324 -2.57 0.18 -19.05
CA LEU C 324 -3.40 -1.00 -19.08
C LEU C 324 -4.67 -0.81 -19.90
N SER C 325 -4.70 0.23 -20.70
CA SER C 325 -5.82 0.46 -21.63
C SER C 325 -7.20 0.29 -21.13
N PRO C 326 -7.77 1.33 -20.50
CA PRO C 326 -9.10 1.37 -20.13
C PRO C 326 -9.99 1.08 -21.41
N ALA C 327 -9.52 1.54 -22.56
CA ALA C 327 -10.33 1.41 -23.79
C ALA C 327 -10.46 -0.07 -24.15
N LEU C 328 -9.40 -0.87 -23.86
CA LEU C 328 -9.53 -2.29 -24.11
C LEU C 328 -10.64 -2.86 -23.31
N PHE C 329 -10.64 -2.53 -22.00
CA PHE C 329 -11.66 -3.07 -21.14
C PHE C 329 -13.07 -2.64 -21.41
N VAL C 330 -13.20 -1.36 -21.73
CA VAL C 330 -14.54 -0.83 -22.09
C VAL C 330 -15.03 -1.59 -23.37
N ARG C 331 -14.14 -1.76 -24.33
CA ARG C 331 -14.47 -2.55 -25.57
C ARG C 331 -15.00 -3.90 -25.24
N LEU C 332 -14.30 -4.62 -24.36
CA LEU C 332 -14.75 -5.94 -23.98
C LEU C 332 -16.06 -5.95 -23.28
N ILE C 333 -16.29 -4.96 -22.44
CA ILE C 333 -17.55 -4.94 -21.69
C ILE C 333 -18.71 -4.56 -22.69
N HIS C 334 -18.43 -3.59 -23.55
CA HIS C 334 -19.41 -3.21 -24.59
C HIS C 334 -19.78 -4.35 -25.53
N MET C 335 -18.80 -5.18 -25.87
CA MET C 335 -19.09 -6.31 -26.69
C MET C 335 -20.12 -7.23 -26.09
N ILE C 336 -20.27 -7.32 -24.81
CA ILE C 336 -21.23 -8.30 -24.24
C ILE C 336 -22.48 -7.69 -23.60
N TYR C 337 -22.41 -6.45 -23.15
CA TYR C 337 -23.58 -5.80 -22.53
C TYR C 337 -24.81 -5.89 -23.51
N LYS C 338 -25.92 -6.30 -22.95
CA LYS C 338 -27.21 -6.56 -23.66
C LYS C 338 -27.20 -7.75 -24.60
N ARG C 339 -26.20 -8.63 -24.59
CA ARG C 339 -26.23 -9.75 -25.52
C ARG C 339 -27.40 -10.69 -25.20
N ASN C 340 -27.88 -11.41 -26.20
CA ASN C 340 -29.01 -12.38 -25.98
C ASN C 340 -28.63 -13.81 -26.31
N HIS C 341 -27.38 -14.00 -26.71
CA HIS C 341 -26.77 -15.28 -26.90
C HIS C 341 -25.24 -15.19 -26.69
#